data_5HOG
#
_entry.id   5HOG
#
_cell.length_a   88.677
_cell.length_b   99.551
_cell.length_c   218.373
_cell.angle_alpha   90.00
_cell.angle_beta   90.00
_cell.angle_gamma   90.00
#
_symmetry.space_group_name_H-M   'P 2 21 21'
#
loop_
_entity.id
_entity.type
_entity.pdbx_description
1 polymer 'DNA polymerase alpha-binding protein'
2 polymer Dna2p
3 water water
#
loop_
_entity_poly.entity_id
_entity_poly.type
_entity_poly.pdbx_seq_one_letter_code
_entity_poly.pdbx_strand_id
1 'polypeptide(L)'
;MGSSHHHHHHSQDPENLYFQGTGKFRYMPFSPAGTPFGFTDRRYLTMNEVGYVSTVKNSEQYSITVSFFDVGRFREYHFE
DLFGYDLCFLNEKGTLFGQSKTGQIQYRPHDSIHSNWTKIIPLQAGERITSVAATPVRVIVGTSLGYFRSFNQFGVPFAV
EKTSPIVALTAQNYRVFSVHYSQFHGLSYSLSELGTSSKRYYKRECPLPMSLPNINSDMKKDANLDYYNFNPMGIKSLFF
SSYGDPCIFGSDNTLLLLSKWRSPEESKWLPILDSNMEIWKMSGGKETTDIHVWPLALAYDTLNCILVKGKHIWPEFPLP
LPSEMEIRMPVFVKSKLLEENKAILNKKNEIGADTEAEEGEEDKEIQIPVSMAAEEEYLRSKVLSELLTDTLENDGEMYG
NENEVLAALNGAYDKALLRLFASACSDQNVEKALSLAHELKQDRALTAAVKISERAELPSLVKKINNIREARYEQQLK
;
A,B,C
2 'polypeptide(L)' SLRNIDDILDDIEGDLT D,E
#
# COMPACT_ATOMS: atom_id res chain seq x y z
N PHE A 25 14.37 -8.88 10.87
CA PHE A 25 14.85 -8.84 9.49
C PHE A 25 15.83 -7.69 9.30
N ARG A 26 16.77 -7.86 8.35
CA ARG A 26 17.85 -6.91 8.13
C ARG A 26 17.57 -6.11 6.87
N TYR A 27 17.27 -4.82 7.04
CA TYR A 27 17.10 -3.93 5.89
C TYR A 27 18.45 -3.63 5.26
N MET A 28 18.52 -3.72 3.93
CA MET A 28 19.79 -3.51 3.27
C MET A 28 19.76 -2.24 2.42
N PRO A 29 20.88 -1.51 2.35
CA PRO A 29 20.94 -0.27 1.57
C PRO A 29 20.68 -0.52 0.09
N PHE A 30 19.69 0.17 -0.45
CA PHE A 30 19.21 -0.05 -1.81
C PHE A 30 19.55 1.14 -2.70
N SER A 31 19.91 0.84 -3.94
CA SER A 31 20.08 1.84 -4.98
C SER A 31 19.68 1.21 -6.30
N PRO A 32 19.05 1.97 -7.19
CA PRO A 32 18.61 1.41 -8.48
C PRO A 32 19.76 0.78 -9.26
N ALA A 33 19.62 -0.51 -9.57
CA ALA A 33 20.54 -1.27 -10.41
C ALA A 33 21.93 -1.43 -9.79
N GLY A 34 22.07 -1.19 -8.50
CA GLY A 34 23.34 -1.41 -7.84
C GLY A 34 23.73 -2.88 -7.83
N THR A 35 25.04 -3.12 -7.90
CA THR A 35 25.62 -4.45 -7.88
C THR A 35 26.41 -4.66 -6.58
N PRO A 36 26.64 -5.91 -6.18
CA PRO A 36 27.46 -6.17 -4.99
C PRO A 36 28.94 -6.29 -5.31
N PHE A 37 29.75 -6.24 -4.25
CA PHE A 37 31.20 -6.39 -4.40
C PHE A 37 31.57 -7.80 -4.88
N GLY A 38 30.90 -8.82 -4.35
CA GLY A 38 31.30 -10.19 -4.65
C GLY A 38 32.70 -10.46 -4.14
N PHE A 39 33.55 -11.05 -4.99
CA PHE A 39 34.93 -11.33 -4.65
C PHE A 39 35.88 -10.24 -5.13
N THR A 40 35.36 -9.12 -5.62
CA THR A 40 36.20 -8.04 -6.09
C THR A 40 36.21 -6.90 -5.07
N ASP A 41 36.87 -5.81 -5.44
CA ASP A 41 36.95 -4.62 -4.63
C ASP A 41 36.20 -3.45 -5.27
N ARG A 42 35.27 -3.75 -6.18
CA ARG A 42 34.52 -2.69 -6.84
C ARG A 42 33.13 -3.19 -7.18
N ARG A 43 32.17 -2.28 -7.10
CA ARG A 43 30.79 -2.56 -7.46
C ARG A 43 30.20 -1.29 -8.05
N TYR A 44 29.01 -1.42 -8.64
CA TYR A 44 28.28 -0.27 -9.11
C TYR A 44 27.34 0.20 -8.01
N LEU A 45 27.41 1.48 -7.68
CA LEU A 45 26.52 2.05 -6.67
C LEU A 45 25.09 2.14 -7.21
N THR A 46 24.92 2.81 -8.35
CA THR A 46 23.63 2.93 -9.00
C THR A 46 23.86 3.05 -10.50
N MET A 47 22.77 3.00 -11.25
CA MET A 47 22.87 2.86 -12.69
C MET A 47 21.50 3.04 -13.35
N ASN A 48 21.41 3.93 -14.33
CA ASN A 48 20.14 4.14 -15.04
C ASN A 48 20.45 4.65 -16.44
N GLU A 49 19.48 5.34 -17.04
CA GLU A 49 19.62 5.83 -18.40
C GLU A 49 20.62 6.98 -18.51
N VAL A 50 20.91 7.67 -17.40
CA VAL A 50 21.83 8.80 -17.45
C VAL A 50 23.27 8.32 -17.45
N GLY A 51 23.58 7.31 -16.65
CA GLY A 51 24.95 6.82 -16.57
C GLY A 51 25.09 5.75 -15.50
N TYR A 52 26.31 5.62 -14.99
CA TYR A 52 26.61 4.63 -13.98
C TYR A 52 27.64 5.18 -13.01
N VAL A 53 27.47 4.84 -11.73
CA VAL A 53 28.36 5.27 -10.66
C VAL A 53 28.99 4.02 -10.05
N SER A 54 30.31 3.94 -10.11
CA SER A 54 31.07 2.83 -9.54
C SER A 54 31.85 3.30 -8.33
N THR A 55 32.18 2.34 -7.46
CA THR A 55 33.03 2.59 -6.30
C THR A 55 34.08 1.49 -6.22
N VAL A 56 35.31 1.87 -5.88
CA VAL A 56 36.43 0.93 -5.79
C VAL A 56 37.04 1.04 -4.39
N LYS A 57 37.25 -0.12 -3.75
CA LYS A 57 37.94 -0.15 -2.47
C LYS A 57 39.39 0.31 -2.65
N ASN A 58 39.80 1.28 -1.82
CA ASN A 58 41.11 1.91 -1.93
C ASN A 58 41.74 1.95 -0.55
N SER A 59 42.43 0.86 -0.18
CA SER A 59 43.03 0.70 1.14
C SER A 59 41.98 0.84 2.24
N GLU A 60 41.85 2.04 2.80
CA GLU A 60 40.86 2.30 3.84
C GLU A 60 39.78 3.28 3.39
N GLN A 61 39.89 3.83 2.19
CA GLN A 61 38.87 4.71 1.64
C GLN A 61 38.26 4.13 0.37
N TYR A 62 37.63 4.97 -0.45
CA TYR A 62 36.95 4.51 -1.66
C TYR A 62 37.18 5.51 -2.79
N SER A 63 37.12 5.00 -4.02
CA SER A 63 37.27 5.82 -5.23
C SER A 63 35.98 5.72 -6.04
N ILE A 64 35.18 6.79 -6.00
CA ILE A 64 33.90 6.83 -6.70
C ILE A 64 34.09 7.45 -8.09
N THR A 65 33.52 6.81 -9.11
CA THR A 65 33.63 7.28 -10.49
C THR A 65 32.23 7.42 -11.08
N VAL A 66 31.86 8.66 -11.40
CA VAL A 66 30.58 8.96 -12.02
C VAL A 66 30.78 9.06 -13.54
N SER A 67 30.11 8.19 -14.29
CA SER A 67 30.26 8.13 -15.74
C SER A 67 28.90 8.30 -16.41
N PHE A 68 28.92 8.84 -17.62
CA PHE A 68 27.69 9.16 -18.35
C PHE A 68 27.65 8.43 -19.69
N PHE A 69 26.44 8.25 -20.20
CA PHE A 69 26.22 7.60 -21.49
C PHE A 69 26.21 8.60 -22.64
N ASP A 70 25.78 9.83 -22.38
CA ASP A 70 25.87 10.92 -23.35
C ASP A 70 27.15 11.68 -23.02
N VAL A 71 28.25 11.26 -23.64
CA VAL A 71 29.55 11.86 -23.36
C VAL A 71 29.62 13.32 -23.76
N GLY A 72 28.78 13.74 -24.72
CA GLY A 72 28.79 15.13 -25.13
C GLY A 72 28.28 16.09 -24.07
N ARG A 73 27.22 15.69 -23.36
CA ARG A 73 26.62 16.59 -22.37
C ARG A 73 27.51 16.75 -21.15
N PHE A 74 27.78 15.66 -20.43
CA PHE A 74 28.47 15.71 -19.16
C PHE A 74 29.82 15.02 -19.25
N ARG A 75 30.74 15.47 -18.40
CA ARG A 75 32.11 14.96 -18.38
C ARG A 75 32.26 13.99 -17.22
N GLU A 76 32.75 12.79 -17.52
CA GLU A 76 33.00 11.80 -16.48
C GLU A 76 34.03 12.34 -15.48
N TYR A 77 33.73 12.21 -14.20
CA TYR A 77 34.64 12.65 -13.14
C TYR A 77 34.71 11.59 -12.05
N HIS A 78 35.61 11.82 -11.10
CA HIS A 78 35.79 10.90 -9.98
C HIS A 78 36.34 11.67 -8.80
N PHE A 79 36.16 11.10 -7.61
CA PHE A 79 36.57 11.75 -6.37
C PHE A 79 36.79 10.68 -5.31
N GLU A 80 37.38 11.12 -4.19
CA GLU A 80 37.79 10.21 -3.13
C GLU A 80 36.74 10.20 -2.03
N ASP A 81 36.22 9.01 -1.72
CA ASP A 81 35.14 8.85 -0.76
C ASP A 81 35.75 8.51 0.59
N LEU A 82 35.77 9.49 1.49
CA LEU A 82 36.30 9.31 2.83
C LEU A 82 35.24 8.85 3.83
N PHE A 83 34.03 8.57 3.37
CA PHE A 83 32.94 8.18 4.25
C PHE A 83 32.44 6.77 4.00
N GLY A 84 32.51 6.27 2.77
CA GLY A 84 32.06 4.92 2.47
C GLY A 84 30.65 4.88 1.94
N TYR A 85 30.32 5.81 1.03
CA TYR A 85 28.98 5.91 0.48
C TYR A 85 28.55 4.59 -0.14
N ASP A 86 27.44 4.04 0.37
CA ASP A 86 26.85 2.81 -0.14
C ASP A 86 25.46 3.05 -0.71
N LEU A 87 25.03 4.30 -0.81
CA LEU A 87 23.73 4.67 -1.34
C LEU A 87 23.94 5.73 -2.40
N CYS A 88 23.24 5.61 -3.51
CA CYS A 88 23.42 6.57 -4.59
C CYS A 88 22.16 6.64 -5.44
N PHE A 89 21.94 7.81 -6.04
CA PHE A 89 20.88 8.02 -7.01
C PHE A 89 21.35 9.06 -8.01
N LEU A 90 21.15 8.77 -9.30
CA LEU A 90 21.67 9.60 -10.37
C LEU A 90 20.53 10.18 -11.20
N ASN A 91 20.54 11.50 -11.40
CA ASN A 91 19.63 12.14 -12.33
C ASN A 91 20.40 12.96 -13.36
N GLU A 92 19.67 13.71 -14.19
CA GLU A 92 20.30 14.47 -15.27
C GLU A 92 20.96 15.76 -14.80
N LYS A 93 20.75 16.17 -13.56
CA LYS A 93 21.31 17.41 -13.05
C LYS A 93 22.29 17.23 -11.90
N GLY A 94 22.32 16.07 -11.27
CA GLY A 94 23.21 15.87 -10.14
C GLY A 94 23.26 14.42 -9.72
N THR A 95 24.14 14.14 -8.78
CA THR A 95 24.30 12.80 -8.19
C THR A 95 24.15 12.92 -6.68
N LEU A 96 23.35 12.03 -6.10
CA LEU A 96 23.13 12.01 -4.66
C LEU A 96 23.83 10.80 -4.06
N PHE A 97 24.58 11.02 -2.99
CA PHE A 97 25.33 9.97 -2.31
C PHE A 97 24.87 9.84 -0.87
N GLY A 98 24.84 8.61 -0.38
CA GLY A 98 24.40 8.37 0.99
C GLY A 98 25.20 7.29 1.70
N GLN A 99 25.40 7.48 3.01
CA GLN A 99 26.09 6.52 3.87
C GLN A 99 25.06 5.95 4.83
N SER A 100 24.78 4.66 4.69
CA SER A 100 23.66 4.06 5.41
C SER A 100 23.84 4.07 6.92
N LYS A 101 25.07 4.00 7.41
CA LYS A 101 25.29 3.89 8.85
C LYS A 101 25.51 5.23 9.52
N THR A 102 26.41 6.07 8.99
CA THR A 102 26.65 7.36 9.64
C THR A 102 25.55 8.37 9.34
N GLY A 103 24.73 8.12 8.32
CA GLY A 103 23.64 9.02 8.01
C GLY A 103 24.05 10.25 7.22
N GLN A 104 25.17 10.20 6.53
CA GLN A 104 25.69 11.36 5.82
C GLN A 104 25.32 11.26 4.34
N ILE A 105 24.74 12.33 3.81
CA ILE A 105 24.38 12.41 2.40
C ILE A 105 25.15 13.57 1.76
N GLN A 106 25.38 13.46 0.45
CA GLN A 106 26.03 14.51 -0.31
C GLN A 106 25.41 14.58 -1.71
N TYR A 107 25.13 15.79 -2.16
CA TYR A 107 24.58 16.03 -3.49
C TYR A 107 25.60 16.80 -4.32
N ARG A 108 26.04 16.21 -5.43
CA ARG A 108 26.99 16.85 -6.34
C ARG A 108 26.32 17.18 -7.66
N PRO A 109 25.94 18.44 -7.89
CA PRO A 109 25.43 18.81 -9.22
C PRO A 109 26.47 18.53 -10.29
N HIS A 110 26.00 18.11 -11.47
CA HIS A 110 26.91 17.80 -12.57
C HIS A 110 27.70 19.03 -13.00
N ASP A 111 27.04 20.18 -13.11
CA ASP A 111 27.73 21.40 -13.48
C ASP A 111 28.52 21.93 -12.29
N SER A 112 29.70 22.48 -12.57
CA SER A 112 30.49 23.09 -11.51
C SER A 112 29.93 24.44 -11.08
N ILE A 113 28.95 24.96 -11.83
CA ILE A 113 28.29 26.20 -11.47
C ILE A 113 27.64 26.10 -10.10
N HIS A 114 26.93 24.99 -9.86
CA HIS A 114 26.22 24.80 -8.61
C HIS A 114 27.13 24.09 -7.62
N SER A 115 27.06 24.52 -6.36
CA SER A 115 27.94 23.99 -5.34
C SER A 115 27.45 22.64 -4.81
N ASN A 116 28.39 21.80 -4.39
CA ASN A 116 28.08 20.61 -3.63
C ASN A 116 27.61 20.98 -2.21
N TRP A 117 26.82 20.09 -1.61
CA TRP A 117 26.41 20.30 -0.23
C TRP A 117 26.30 18.95 0.47
N THR A 118 26.50 18.98 1.80
CA THR A 118 26.52 17.79 2.63
C THR A 118 25.64 17.97 3.85
N LYS A 119 24.88 16.93 4.19
CA LYS A 119 24.10 16.89 5.43
C LYS A 119 24.34 15.57 6.13
N ILE A 120 23.99 15.53 7.42
CA ILE A 120 24.02 14.31 8.22
C ILE A 120 22.60 14.05 8.73
N ILE A 121 22.04 12.92 8.29
CA ILE A 121 20.69 12.54 8.71
C ILE A 121 20.74 12.00 10.13
N PRO A 122 19.92 12.50 11.05
CA PRO A 122 19.82 11.90 12.39
C PRO A 122 19.31 10.47 12.32
N LEU A 123 20.00 9.56 13.00
CA LEU A 123 19.62 8.15 13.06
C LEU A 123 19.56 7.69 14.51
N GLN A 124 18.49 6.98 14.86
CA GLN A 124 18.32 6.44 16.20
C GLN A 124 19.07 5.11 16.33
N ALA A 125 18.81 4.40 17.43
CA ALA A 125 19.43 3.10 17.67
C ALA A 125 19.11 2.11 16.57
N GLY A 126 20.14 1.67 15.86
CA GLY A 126 19.99 0.70 14.79
C GLY A 126 19.27 1.19 13.56
N GLU A 127 18.92 2.47 13.50
CA GLU A 127 18.29 3.03 12.31
C GLU A 127 19.33 3.18 11.19
N ARG A 128 18.95 2.77 9.98
CA ARG A 128 19.81 2.84 8.81
C ARG A 128 19.08 3.58 7.69
N ILE A 129 19.83 4.36 6.91
CA ILE A 129 19.28 4.89 5.66
C ILE A 129 19.22 3.75 4.65
N THR A 130 18.03 3.52 4.10
CA THR A 130 17.81 2.37 3.23
C THR A 130 17.73 2.73 1.76
N SER A 131 17.51 3.99 1.42
CA SER A 131 17.34 4.38 0.02
C SER A 131 17.35 5.90 -0.06
N VAL A 132 18.03 6.44 -1.08
CA VAL A 132 18.01 7.86 -1.37
C VAL A 132 17.59 8.06 -2.82
N ALA A 133 17.02 9.23 -3.09
CA ALA A 133 16.57 9.57 -4.43
C ALA A 133 16.64 11.08 -4.58
N ALA A 134 16.81 11.53 -5.81
CA ALA A 134 16.93 12.96 -6.08
C ALA A 134 16.41 13.27 -7.47
N THR A 135 15.68 14.38 -7.56
CA THR A 135 15.31 14.99 -8.83
C THR A 135 15.99 16.36 -8.90
N PRO A 136 15.90 17.07 -10.03
CA PRO A 136 16.42 18.44 -10.05
C PRO A 136 15.82 19.35 -9.00
N VAL A 137 14.68 19.00 -8.41
CA VAL A 137 14.00 19.88 -7.45
C VAL A 137 13.85 19.26 -6.07
N ARG A 138 14.11 17.96 -5.89
CA ARG A 138 13.86 17.31 -4.62
C ARG A 138 14.94 16.30 -4.29
N VAL A 139 15.22 16.16 -3.00
CA VAL A 139 16.13 15.14 -2.46
C VAL A 139 15.37 14.35 -1.41
N ILE A 140 15.38 13.02 -1.53
CA ILE A 140 14.58 12.14 -0.69
C ILE A 140 15.50 11.17 0.04
N VAL A 141 15.27 11.00 1.34
CA VAL A 141 15.99 10.05 2.18
C VAL A 141 14.98 9.22 2.95
N GLY A 142 15.10 7.89 2.83
CA GLY A 142 14.24 6.98 3.58
C GLY A 142 15.07 6.10 4.51
N THR A 143 14.55 5.85 5.70
CA THR A 143 15.24 5.07 6.72
C THR A 143 14.50 3.78 7.02
N SER A 144 15.13 2.94 7.85
CA SER A 144 14.57 1.64 8.21
C SER A 144 13.47 1.74 9.27
N LEU A 145 13.37 2.87 9.96
CA LEU A 145 12.30 3.12 10.89
C LEU A 145 11.11 3.80 10.25
N GLY A 146 11.20 4.11 8.95
CA GLY A 146 10.12 4.76 8.25
C GLY A 146 10.19 6.27 8.24
N TYR A 147 11.38 6.85 8.41
CA TYR A 147 11.52 8.29 8.34
C TYR A 147 11.70 8.71 6.89
N PHE A 148 10.87 9.67 6.46
CA PHE A 148 10.81 10.15 5.09
C PHE A 148 11.23 11.62 5.12
N ARG A 149 12.51 11.87 4.88
CA ARG A 149 13.07 13.22 4.94
C ARG A 149 13.24 13.76 3.54
N SER A 150 12.64 14.93 3.28
CA SER A 150 12.69 15.55 1.96
C SER A 150 13.40 16.89 2.05
N PHE A 151 14.07 17.25 0.96
CA PHE A 151 14.81 18.51 0.84
C PHE A 151 14.65 19.01 -0.58
N ASN A 152 15.03 20.27 -0.81
CA ASN A 152 15.15 20.76 -2.18
C ASN A 152 16.55 20.46 -2.70
N GLN A 153 16.82 20.87 -3.94
CA GLN A 153 18.10 20.57 -4.56
C GLN A 153 19.27 21.28 -3.88
N PHE A 154 19.00 22.19 -2.94
CA PHE A 154 20.04 22.93 -2.25
C PHE A 154 20.23 22.47 -0.82
N GLY A 155 19.40 21.54 -0.34
CA GLY A 155 19.52 21.01 0.99
C GLY A 155 18.61 21.63 2.03
N VAL A 156 17.67 22.47 1.63
CA VAL A 156 16.74 23.10 2.56
C VAL A 156 15.65 22.08 2.91
N PRO A 157 15.52 21.70 4.18
CA PRO A 157 14.54 20.65 4.53
C PRO A 157 13.12 21.18 4.45
N PHE A 158 12.22 20.35 3.90
CA PHE A 158 10.81 20.71 3.84
C PHE A 158 9.99 20.17 5.02
N ALA A 159 10.05 18.86 5.26
CA ALA A 159 9.36 18.29 6.43
C ALA A 159 9.81 16.86 6.62
N VAL A 160 9.83 16.44 7.89
CA VAL A 160 10.16 15.07 8.26
C VAL A 160 8.85 14.31 8.49
N GLU A 161 8.72 13.14 7.85
CA GLU A 161 7.51 12.33 7.94
C GLU A 161 7.85 10.92 8.37
N LYS A 162 6.98 10.32 9.18
CA LYS A 162 7.11 8.94 9.61
C LYS A 162 6.11 8.08 8.86
N THR A 163 6.61 7.07 8.15
CA THR A 163 5.75 6.14 7.40
C THR A 163 6.16 4.72 7.80
N SER A 164 5.73 3.74 7.02
CA SER A 164 6.21 2.39 7.17
C SER A 164 7.69 2.32 6.80
N PRO A 165 8.42 1.35 7.33
CA PRO A 165 9.83 1.20 6.96
C PRO A 165 10.01 1.20 5.44
N ILE A 166 10.92 2.04 4.97
CA ILE A 166 11.15 2.24 3.55
C ILE A 166 12.29 1.32 3.10
N VAL A 167 12.09 0.62 1.99
CA VAL A 167 13.13 -0.24 1.45
C VAL A 167 13.69 0.28 0.13
N ALA A 168 12.92 1.05 -0.63
CA ALA A 168 13.36 1.55 -1.92
C ALA A 168 12.65 2.85 -2.25
N LEU A 169 13.38 3.78 -2.86
CA LEU A 169 12.84 5.06 -3.29
C LEU A 169 13.31 5.37 -4.70
N THR A 170 12.38 5.87 -5.53
CA THR A 170 12.73 6.54 -6.77
C THR A 170 11.87 7.78 -6.90
N ALA A 171 12.29 8.70 -7.74
CA ALA A 171 11.57 9.96 -7.88
C ALA A 171 11.72 10.50 -9.29
N GLN A 172 10.87 11.47 -9.61
CA GLN A 172 10.86 12.11 -10.93
C GLN A 172 10.15 13.44 -10.79
N ASN A 173 10.85 14.53 -11.07
CA ASN A 173 10.33 15.88 -10.86
C ASN A 173 9.87 16.06 -9.42
N TYR A 174 8.55 16.11 -9.20
CA TYR A 174 8.01 16.34 -7.86
C TYR A 174 7.32 15.11 -7.28
N ARG A 175 7.39 13.97 -7.96
CA ARG A 175 6.67 12.77 -7.54
C ARG A 175 7.65 11.72 -7.00
N VAL A 176 7.21 10.99 -5.99
CA VAL A 176 8.03 10.00 -5.31
C VAL A 176 7.33 8.64 -5.36
N PHE A 177 8.07 7.59 -5.70
CA PHE A 177 7.59 6.22 -5.66
C PHE A 177 8.39 5.50 -4.57
N SER A 178 7.71 5.10 -3.50
CA SER A 178 8.34 4.50 -2.34
C SER A 178 7.81 3.09 -2.11
N VAL A 179 8.70 2.18 -1.75
CA VAL A 179 8.35 0.79 -1.43
C VAL A 179 8.59 0.57 0.06
N HIS A 180 7.60 -0.02 0.73
CA HIS A 180 7.64 -0.21 2.16
C HIS A 180 7.52 -1.69 2.50
N TYR A 181 8.05 -2.07 3.66
CA TYR A 181 8.00 -3.46 4.12
C TYR A 181 7.73 -3.50 5.61
N SER A 182 6.61 -4.12 5.99
CA SER A 182 6.32 -4.48 7.36
C SER A 182 6.48 -5.99 7.54
N GLN A 183 6.30 -6.46 8.78
CA GLN A 183 6.19 -7.88 9.01
C GLN A 183 4.76 -8.39 8.81
N PHE A 184 3.79 -7.48 8.70
CA PHE A 184 2.39 -7.83 8.54
C PHE A 184 1.99 -7.95 7.07
N HIS A 185 2.10 -6.85 6.32
CA HIS A 185 1.60 -6.83 4.95
C HIS A 185 2.58 -7.45 3.95
N GLY A 186 3.87 -7.38 4.23
CA GLY A 186 4.86 -7.70 3.22
C GLY A 186 5.30 -6.44 2.52
N LEU A 187 5.28 -6.46 1.19
CA LEU A 187 5.72 -5.32 0.39
C LEU A 187 4.51 -4.50 -0.06
N SER A 188 4.48 -3.24 0.36
CA SER A 188 3.50 -2.27 -0.12
C SER A 188 4.24 -1.13 -0.80
N TYR A 189 3.49 -0.25 -1.45
CA TYR A 189 4.08 0.90 -2.11
C TYR A 189 3.22 2.14 -1.91
N SER A 190 3.86 3.30 -2.01
CA SER A 190 3.16 4.57 -1.94
C SER A 190 3.61 5.46 -3.09
N LEU A 191 2.67 6.23 -3.64
CA LEU A 191 2.93 7.15 -4.73
C LEU A 191 2.45 8.53 -4.32
N SER A 192 3.37 9.47 -4.20
CA SER A 192 3.04 10.78 -3.67
C SER A 192 3.62 11.87 -4.56
N GLU A 193 3.13 13.09 -4.36
CA GLU A 193 3.62 14.27 -5.06
C GLU A 193 4.05 15.30 -4.03
N LEU A 194 5.30 15.75 -4.14
CA LEU A 194 5.83 16.79 -3.26
C LEU A 194 5.67 18.13 -3.97
N GLY A 195 4.45 18.63 -3.98
CA GLY A 195 4.17 19.90 -4.61
C GLY A 195 4.77 21.05 -3.84
N THR A 196 4.49 22.26 -4.34
CA THR A 196 5.00 23.46 -3.68
C THR A 196 4.40 23.61 -2.28
N SER A 197 3.17 23.14 -2.08
CA SER A 197 2.46 23.36 -0.82
C SER A 197 2.77 22.26 0.20
N SER A 198 2.23 21.06 -0.03
CA SER A 198 2.41 19.96 0.92
C SER A 198 2.50 18.65 0.14
N LYS A 199 2.69 17.56 0.87
CA LYS A 199 2.79 16.24 0.27
C LYS A 199 1.41 15.65 0.14
N ARG A 200 1.07 15.20 -1.06
CA ARG A 200 -0.21 14.56 -1.36
C ARG A 200 0.02 13.16 -1.88
N TYR A 201 -0.77 12.21 -1.39
CA TYR A 201 -0.67 10.83 -1.84
C TYR A 201 -1.65 10.56 -2.96
N TYR A 202 -1.18 9.86 -3.99
CA TYR A 202 -2.05 9.25 -4.99
C TYR A 202 -2.44 7.84 -4.57
N LYS A 203 -1.52 7.15 -3.92
CA LYS A 203 -1.71 5.79 -3.45
C LYS A 203 -0.89 5.65 -2.16
N ARG A 204 -1.49 5.05 -1.14
CA ARG A 204 -0.86 4.96 0.19
C ARG A 204 -0.80 3.51 0.62
N GLU A 205 0.41 2.94 0.59
CA GLU A 205 0.67 1.60 1.12
C GLU A 205 -0.27 0.56 0.51
N CYS A 206 -0.50 0.67 -0.80
CA CYS A 206 -1.21 -0.35 -1.54
C CYS A 206 -0.32 -1.57 -1.76
N PRO A 207 -0.91 -2.75 -1.95
CA PRO A 207 -0.10 -3.96 -2.12
C PRO A 207 0.79 -3.89 -3.35
N LEU A 208 2.04 -4.33 -3.18
CA LEU A 208 3.01 -4.37 -4.26
C LEU A 208 3.20 -5.82 -4.70
N PRO A 209 2.55 -6.26 -5.78
CA PRO A 209 2.56 -7.68 -6.13
C PRO A 209 3.84 -8.15 -6.81
N MET A 210 4.99 -7.61 -6.41
CA MET A 210 6.25 -8.04 -6.97
C MET A 210 6.66 -9.38 -6.37
N SER A 211 7.11 -10.31 -7.22
CA SER A 211 7.51 -11.62 -6.74
C SER A 211 8.83 -11.53 -5.99
N LEU A 212 8.82 -12.00 -4.74
CA LEU A 212 10.02 -12.09 -3.93
C LEU A 212 10.85 -13.30 -4.36
N PRO A 213 12.14 -13.32 -4.02
CA PRO A 213 12.96 -14.47 -4.40
C PRO A 213 12.59 -15.71 -3.61
N ASN A 214 12.76 -16.87 -4.25
CA ASN A 214 12.47 -18.15 -3.61
C ASN A 214 13.73 -19.01 -3.48
N ASP A 222 23.37 -21.61 -4.15
CA ASP A 222 23.10 -20.81 -5.34
C ASP A 222 24.32 -19.94 -5.68
N ALA A 223 24.56 -19.73 -6.98
CA ALA A 223 25.67 -18.91 -7.40
C ALA A 223 25.42 -17.43 -7.18
N ASN A 224 24.16 -17.03 -7.14
CA ASN A 224 23.75 -15.64 -6.99
C ASN A 224 23.43 -15.28 -5.54
N LEU A 225 23.74 -16.16 -4.59
CA LEU A 225 23.49 -15.87 -3.19
C LEU A 225 24.15 -14.56 -2.75
N ASP A 226 25.29 -14.22 -3.37
CA ASP A 226 25.92 -12.94 -3.07
C ASP A 226 24.96 -11.78 -3.32
N TYR A 227 24.15 -11.88 -4.38
CA TYR A 227 23.22 -10.80 -4.70
C TYR A 227 22.09 -10.72 -3.68
N TYR A 228 21.43 -11.84 -3.39
CA TYR A 228 20.26 -11.80 -2.52
C TYR A 228 20.61 -11.60 -1.06
N ASN A 229 21.89 -11.59 -0.70
CA ASN A 229 22.30 -11.10 0.60
C ASN A 229 22.52 -9.60 0.58
N PHE A 230 22.84 -9.06 -0.60
CA PHE A 230 23.03 -7.64 -0.82
C PHE A 230 21.72 -6.92 -1.12
N ASN A 231 20.76 -7.63 -1.70
CA ASN A 231 19.44 -7.08 -2.02
C ASN A 231 18.42 -8.16 -1.71
N PRO A 232 17.98 -8.25 -0.46
CA PRO A 232 17.08 -9.36 -0.08
C PRO A 232 15.78 -9.39 -0.86
N MET A 233 15.21 -8.23 -1.17
CA MET A 233 13.93 -8.19 -1.88
C MET A 233 14.07 -8.59 -3.35
N GLY A 234 15.28 -8.50 -3.91
CA GLY A 234 15.47 -8.80 -5.31
C GLY A 234 14.99 -7.71 -6.24
N ILE A 235 14.81 -6.49 -5.73
CA ILE A 235 14.41 -5.36 -6.55
C ILE A 235 15.61 -4.87 -7.33
N LYS A 236 15.80 -5.42 -8.54
CA LYS A 236 16.96 -5.05 -9.33
C LYS A 236 16.99 -3.55 -9.61
N SER A 237 15.86 -3.00 -10.08
CA SER A 237 15.72 -1.56 -10.16
C SER A 237 14.25 -1.19 -10.07
N LEU A 238 14.00 0.08 -9.77
CA LEU A 238 12.67 0.66 -9.87
C LEU A 238 12.82 2.10 -10.31
N PHE A 239 11.84 2.59 -11.07
CA PHE A 239 11.96 3.90 -11.66
C PHE A 239 10.62 4.34 -12.23
N PHE A 240 10.49 5.65 -12.43
CA PHE A 240 9.41 6.17 -13.24
C PHE A 240 9.74 5.97 -14.71
N SER A 241 8.70 5.72 -15.51
CA SER A 241 8.92 5.66 -16.94
C SER A 241 9.18 7.06 -17.50
N SER A 242 9.54 7.11 -18.78
CA SER A 242 9.76 8.40 -19.41
C SER A 242 8.49 9.23 -19.43
N TYR A 243 7.33 8.59 -19.39
CA TYR A 243 6.05 9.27 -19.38
C TYR A 243 5.44 9.35 -17.98
N GLY A 244 6.20 9.03 -16.95
CA GLY A 244 5.78 9.23 -15.58
C GLY A 244 5.01 8.10 -14.95
N ASP A 245 5.15 6.84 -15.44
CA ASP A 245 4.45 5.76 -14.77
C ASP A 245 5.41 4.93 -13.94
N PRO A 246 5.04 4.55 -12.72
CA PRO A 246 5.97 3.79 -11.86
C PRO A 246 6.22 2.40 -12.38
N CYS A 247 7.49 1.99 -12.33
CA CYS A 247 7.92 0.67 -12.81
C CYS A 247 8.86 0.03 -11.79
N ILE A 248 8.77 -1.29 -11.68
CA ILE A 248 9.64 -2.05 -10.80
C ILE A 248 10.10 -3.32 -11.52
N PHE A 249 11.29 -3.78 -11.16
CA PHE A 249 11.95 -4.92 -11.81
C PHE A 249 12.48 -5.84 -10.72
N GLY A 250 11.74 -6.90 -10.43
CA GLY A 250 12.09 -7.80 -9.34
C GLY A 250 13.01 -8.92 -9.77
N SER A 251 13.26 -9.83 -8.83
CA SER A 251 14.12 -10.97 -9.10
C SER A 251 13.52 -11.92 -10.12
N ASP A 252 12.21 -11.86 -10.36
CA ASP A 252 11.57 -12.66 -11.39
C ASP A 252 11.77 -12.09 -12.80
N ASN A 253 12.59 -11.04 -12.92
CA ASN A 253 12.99 -10.47 -14.20
C ASN A 253 11.80 -10.08 -15.07
N THR A 254 10.69 -9.72 -14.44
CA THR A 254 9.51 -9.22 -15.14
C THR A 254 9.35 -7.74 -14.83
N LEU A 255 9.20 -6.93 -15.87
CA LEU A 255 8.97 -5.50 -15.70
C LEU A 255 7.51 -5.25 -15.38
N LEU A 256 7.25 -4.72 -14.19
CA LEU A 256 5.90 -4.39 -13.74
C LEU A 256 5.68 -2.89 -13.84
N LEU A 257 4.58 -2.50 -14.48
CA LEU A 257 4.21 -1.10 -14.63
C LEU A 257 2.90 -0.84 -13.92
N LEU A 258 2.82 0.28 -13.20
CA LEU A 258 1.62 0.68 -12.49
C LEU A 258 0.71 1.46 -13.41
N SER A 259 -0.47 0.91 -13.70
CA SER A 259 -1.46 1.55 -14.54
C SER A 259 -2.57 2.16 -13.70
N LYS A 260 -3.15 3.24 -14.22
CA LYS A 260 -4.31 3.90 -13.62
C LYS A 260 -4.04 4.38 -12.19
N TRP A 261 -2.81 4.79 -11.91
CA TRP A 261 -2.47 5.21 -10.56
C TRP A 261 -3.12 6.53 -10.16
N ARG A 262 -3.72 7.26 -11.10
CA ARG A 262 -4.40 8.51 -10.75
C ARG A 262 -5.78 8.27 -10.16
N SER A 263 -6.38 7.11 -10.43
CA SER A 263 -7.69 6.73 -9.88
C SER A 263 -7.48 5.56 -8.94
N PRO A 264 -7.48 5.80 -7.61
CA PRO A 264 -7.10 4.73 -6.67
C PRO A 264 -7.83 3.41 -6.85
N GLU A 265 -9.11 3.42 -7.17
CA GLU A 265 -9.86 2.19 -7.31
C GLU A 265 -9.60 1.46 -8.63
N GLU A 266 -8.84 2.06 -9.55
CA GLU A 266 -8.57 1.45 -10.84
C GLU A 266 -7.12 1.00 -11.02
N SER A 267 -6.30 1.11 -9.99
CA SER A 267 -4.87 0.84 -10.11
C SER A 267 -4.62 -0.65 -10.34
N LYS A 268 -3.81 -0.96 -11.34
CA LYS A 268 -3.41 -2.32 -11.65
C LYS A 268 -1.93 -2.35 -11.97
N TRP A 269 -1.23 -3.34 -11.45
CA TRP A 269 0.14 -3.61 -11.85
C TRP A 269 0.11 -4.54 -13.06
N LEU A 270 0.70 -4.11 -14.17
CA LEU A 270 0.64 -4.86 -15.42
C LEU A 270 2.00 -5.41 -15.77
N PRO A 271 2.16 -6.72 -15.92
CA PRO A 271 3.42 -7.26 -16.44
C PRO A 271 3.52 -6.98 -17.93
N ILE A 272 4.51 -6.19 -18.31
CA ILE A 272 4.64 -5.73 -19.69
C ILE A 272 5.92 -6.23 -20.35
N LEU A 273 6.73 -7.04 -19.67
CA LEU A 273 7.93 -7.57 -20.27
C LEU A 273 8.42 -8.76 -19.46
N ASP A 274 8.45 -9.94 -20.09
CA ASP A 274 9.12 -11.12 -19.53
C ASP A 274 10.49 -11.19 -20.18
N SER A 275 11.49 -10.60 -19.52
CA SER A 275 12.82 -10.53 -20.12
C SER A 275 13.44 -11.91 -20.27
N ASN A 276 13.02 -12.86 -19.43
CA ASN A 276 13.46 -14.24 -19.61
C ASN A 276 12.99 -14.80 -20.94
N MET A 277 11.80 -14.39 -21.39
CA MET A 277 11.27 -14.87 -22.66
C MET A 277 11.94 -14.18 -23.84
N GLU A 278 12.20 -12.87 -23.73
CA GLU A 278 12.89 -12.16 -24.81
C GLU A 278 14.27 -12.74 -25.04
N ILE A 279 15.00 -13.04 -23.96
CA ILE A 279 16.29 -13.71 -24.10
C ILE A 279 16.10 -15.09 -24.72
N TRP A 280 15.07 -15.83 -24.26
CA TRP A 280 14.76 -17.13 -24.85
C TRP A 280 14.44 -17.02 -26.33
N LYS A 281 13.81 -15.91 -26.76
CA LYS A 281 13.49 -15.74 -28.17
C LYS A 281 14.67 -15.23 -28.97
N MET A 282 15.53 -14.42 -28.37
CA MET A 282 16.76 -13.99 -29.03
C MET A 282 17.64 -15.20 -29.33
N SER A 283 17.71 -16.16 -28.41
CA SER A 283 18.60 -17.30 -28.54
C SER A 283 18.06 -18.40 -29.43
N GLY A 284 16.97 -18.15 -30.17
CA GLY A 284 16.38 -19.17 -31.01
C GLY A 284 15.85 -20.36 -30.24
N GLY A 285 15.01 -20.11 -29.24
CA GLY A 285 14.37 -21.17 -28.49
C GLY A 285 15.25 -21.94 -27.53
N LYS A 286 16.54 -21.63 -27.47
CA LYS A 286 17.48 -22.38 -26.64
C LYS A 286 17.53 -21.78 -25.23
N GLU A 287 17.44 -22.64 -24.22
CA GLU A 287 17.54 -22.18 -22.84
C GLU A 287 18.98 -21.79 -22.53
N THR A 288 19.16 -20.58 -22.01
CA THR A 288 20.47 -20.09 -21.62
C THR A 288 20.58 -20.00 -20.11
N THR A 289 21.82 -19.85 -19.65
CA THR A 289 22.11 -19.65 -18.23
C THR A 289 23.14 -18.56 -18.01
N ASP A 290 23.62 -17.91 -19.07
CA ASP A 290 24.68 -16.92 -18.99
C ASP A 290 24.28 -15.55 -19.52
N ILE A 291 23.04 -15.37 -19.97
CA ILE A 291 22.55 -14.09 -20.44
C ILE A 291 21.49 -13.59 -19.47
N HIS A 292 21.65 -12.34 -19.01
CA HIS A 292 20.73 -11.74 -18.06
C HIS A 292 20.51 -10.28 -18.41
N VAL A 293 19.40 -9.73 -17.91
CA VAL A 293 19.02 -8.34 -18.15
C VAL A 293 19.23 -7.54 -16.88
N TRP A 294 19.78 -6.34 -17.03
CA TRP A 294 19.93 -5.41 -15.91
C TRP A 294 19.20 -4.11 -16.26
N PRO A 295 18.11 -3.78 -15.57
CA PRO A 295 17.25 -2.68 -16.03
C PRO A 295 17.78 -1.30 -15.68
N LEU A 296 17.68 -0.39 -16.65
CA LEU A 296 18.07 1.00 -16.47
C LEU A 296 16.87 1.93 -16.40
N ALA A 297 16.04 1.95 -17.44
CA ALA A 297 14.85 2.80 -17.46
C ALA A 297 13.92 2.30 -18.54
N LEU A 298 12.70 2.83 -18.54
CA LEU A 298 11.70 2.52 -19.55
C LEU A 298 11.37 3.80 -20.32
N ALA A 299 11.66 3.79 -21.62
CA ALA A 299 11.34 4.90 -22.51
C ALA A 299 10.22 4.46 -23.43
N TYR A 300 9.00 4.88 -23.12
CA TYR A 300 7.81 4.55 -23.90
C TYR A 300 7.62 3.05 -24.01
N ASP A 301 8.20 2.41 -25.03
CA ASP A 301 8.00 0.99 -25.27
C ASP A 301 9.30 0.21 -25.23
N THR A 302 10.41 0.84 -24.82
CA THR A 302 11.72 0.24 -24.88
C THR A 302 12.36 0.24 -23.50
N LEU A 303 12.86 -0.91 -23.08
CA LEU A 303 13.55 -1.04 -21.81
C LEU A 303 15.04 -0.86 -22.05
N ASN A 304 15.57 0.30 -21.66
N ASN A 304 15.57 0.30 -21.66
CA ASN A 304 17.01 0.49 -21.68
CA ASN A 304 17.01 0.50 -21.66
C ASN A 304 17.64 -0.39 -20.60
C ASN A 304 17.62 -0.41 -20.60
N CYS A 305 18.61 -1.21 -20.98
CA CYS A 305 19.17 -2.21 -20.08
C CYS A 305 20.61 -2.52 -20.43
N ILE A 306 21.23 -3.35 -19.60
CA ILE A 306 22.56 -3.90 -19.84
C ILE A 306 22.40 -5.41 -20.01
N LEU A 307 22.93 -5.94 -21.11
CA LEU A 307 22.91 -7.39 -21.34
C LEU A 307 24.16 -7.98 -20.71
N VAL A 308 23.98 -8.68 -19.60
CA VAL A 308 25.09 -9.23 -18.83
C VAL A 308 25.34 -10.66 -19.29
N LYS A 309 26.51 -10.90 -19.88
CA LYS A 309 26.94 -12.23 -20.26
C LYS A 309 28.01 -12.70 -19.29
N GLY A 310 27.74 -13.81 -18.62
CA GLY A 310 28.66 -14.30 -17.60
C GLY A 310 27.95 -15.19 -16.60
N LYS A 311 28.72 -15.59 -15.59
CA LYS A 311 28.22 -16.53 -14.58
C LYS A 311 27.27 -15.84 -13.61
N HIS A 312 27.53 -14.57 -13.28
CA HIS A 312 26.71 -13.82 -12.36
C HIS A 312 25.65 -13.00 -13.11
N ILE A 313 24.58 -12.66 -12.39
CA ILE A 313 23.45 -11.95 -13.01
C ILE A 313 23.62 -10.44 -13.01
N TRP A 314 24.67 -9.91 -12.38
CA TRP A 314 24.87 -8.47 -12.37
C TRP A 314 26.06 -8.08 -13.24
N PRO A 315 26.03 -6.88 -13.83
CA PRO A 315 27.10 -6.48 -14.74
C PRO A 315 28.45 -6.32 -14.04
N GLU A 316 29.50 -6.39 -14.86
CA GLU A 316 30.88 -6.38 -14.39
C GLU A 316 31.62 -5.17 -14.95
N PHE A 317 32.94 -5.15 -14.77
CA PHE A 317 33.77 -4.09 -15.33
C PHE A 317 34.62 -4.64 -16.48
N PRO A 318 34.68 -3.91 -17.60
CA PRO A 318 33.97 -2.64 -17.81
C PRO A 318 32.49 -2.85 -18.12
N LEU A 319 31.72 -1.79 -18.06
CA LEU A 319 30.30 -1.91 -18.31
C LEU A 319 30.05 -1.95 -19.82
N PRO A 320 29.28 -2.90 -20.31
CA PRO A 320 28.95 -2.93 -21.74
C PRO A 320 28.10 -1.73 -22.12
N LEU A 321 27.95 -1.54 -23.42
CA LEU A 321 27.08 -0.48 -23.89
C LEU A 321 25.63 -0.87 -23.68
N PRO A 322 24.76 0.08 -23.32
CA PRO A 322 23.35 -0.26 -23.07
C PRO A 322 22.69 -0.84 -24.32
N SER A 323 21.86 -1.85 -24.09
CA SER A 323 21.04 -2.44 -25.14
C SER A 323 19.61 -1.93 -25.01
N GLU A 324 18.79 -2.29 -25.99
CA GLU A 324 17.38 -1.94 -25.99
C GLU A 324 16.56 -3.21 -26.14
N MET A 325 15.53 -3.35 -25.31
CA MET A 325 14.63 -4.50 -25.36
C MET A 325 13.21 -3.95 -25.41
N GLU A 326 12.53 -4.16 -26.54
CA GLU A 326 11.16 -3.71 -26.68
C GLU A 326 10.25 -4.53 -25.78
N ILE A 327 9.33 -3.84 -25.09
CA ILE A 327 8.41 -4.52 -24.19
C ILE A 327 7.46 -5.41 -24.98
N ARG A 328 7.11 -6.56 -24.41
CA ARG A 328 6.22 -7.52 -25.04
C ARG A 328 5.27 -8.07 -23.97
N MET A 329 3.98 -8.04 -24.27
CA MET A 329 3.00 -8.60 -23.34
C MET A 329 3.24 -10.09 -23.18
N PRO A 330 3.31 -10.62 -21.95
CA PRO A 330 3.56 -12.05 -21.77
C PRO A 330 2.38 -12.91 -22.19
N VAL A 331 2.21 -13.10 -23.49
CA VAL A 331 1.14 -13.92 -24.04
C VAL A 331 1.66 -15.02 -24.95
N PHE A 332 2.97 -15.09 -25.17
CA PHE A 332 3.56 -16.13 -26.01
C PHE A 332 3.83 -17.38 -25.19
N VAL A 333 3.50 -18.53 -25.75
CA VAL A 333 3.79 -19.82 -25.14
C VAL A 333 5.00 -20.43 -25.83
N LYS A 334 5.91 -20.98 -25.03
CA LYS A 334 7.10 -21.61 -25.61
C LYS A 334 6.72 -22.80 -26.47
N SER A 335 5.79 -23.62 -26.01
CA SER A 335 5.33 -24.78 -26.78
C SER A 335 4.84 -24.36 -28.16
N LYS A 336 3.95 -23.38 -28.22
CA LYS A 336 3.38 -22.95 -29.48
C LYS A 336 4.37 -22.22 -30.37
N LEU A 337 5.40 -21.61 -29.78
CA LEU A 337 6.41 -20.91 -30.57
C LEU A 337 7.41 -21.87 -31.21
N LEU A 338 7.70 -22.98 -30.55
CA LEU A 338 8.60 -23.98 -31.14
C LEU A 338 7.98 -24.61 -32.38
N GLU A 339 6.67 -24.87 -32.35
CA GLU A 339 6.01 -25.51 -33.47
C GLU A 339 6.03 -24.65 -34.73
N GLU A 340 5.76 -23.34 -34.57
CA GLU A 340 5.70 -22.45 -35.73
C GLU A 340 7.04 -22.25 -36.40
N ASN A 341 8.14 -22.43 -35.68
CA ASN A 341 9.45 -22.36 -36.31
C ASN A 341 9.73 -23.60 -37.15
N LYS A 342 9.31 -24.76 -36.66
CA LYS A 342 9.48 -26.03 -37.37
C LYS A 342 8.60 -26.12 -38.61
N GLU A 365 17.23 -16.61 -34.47
CA GLU A 365 16.25 -15.92 -33.65
C GLU A 365 14.83 -16.36 -34.01
N ILE A 366 14.04 -16.64 -32.98
CA ILE A 366 12.70 -17.22 -33.16
C ILE A 366 11.86 -16.35 -34.07
N GLN A 367 11.20 -16.99 -35.04
CA GLN A 367 10.23 -16.32 -35.90
C GLN A 367 8.84 -16.48 -35.32
N ILE A 368 8.09 -15.38 -35.28
CA ILE A 368 6.77 -15.35 -34.66
C ILE A 368 5.70 -15.37 -35.76
N PRO A 369 4.73 -16.27 -35.71
CA PRO A 369 3.65 -16.25 -36.71
C PRO A 369 2.86 -14.94 -36.65
N VAL A 370 2.58 -14.38 -37.83
CA VAL A 370 1.96 -13.07 -37.93
C VAL A 370 0.63 -13.03 -37.19
N SER A 371 -0.14 -14.11 -37.26
CA SER A 371 -1.44 -14.15 -36.58
C SER A 371 -1.27 -14.09 -35.07
N MET A 372 -0.21 -14.69 -34.54
CA MET A 372 0.03 -14.66 -33.11
C MET A 372 0.66 -13.33 -32.67
N ALA A 373 1.56 -12.79 -33.48
CA ALA A 373 2.16 -11.50 -33.17
C ALA A 373 1.16 -10.36 -33.27
N ALA A 374 0.07 -10.54 -34.02
CA ALA A 374 -0.94 -9.49 -34.08
C ALA A 374 -1.71 -9.41 -32.76
N GLU A 375 -1.94 -10.55 -32.11
CA GLU A 375 -2.62 -10.55 -30.82
C GLU A 375 -1.77 -9.83 -29.77
N GLU A 376 -0.48 -10.15 -29.71
CA GLU A 376 0.40 -9.47 -28.77
C GLU A 376 0.51 -7.99 -29.09
N GLU A 377 0.59 -7.64 -30.38
CA GLU A 377 0.69 -6.24 -30.75
C GLU A 377 -0.59 -5.49 -30.42
N TYR A 378 -1.74 -6.16 -30.54
CA TYR A 378 -3.00 -5.57 -30.13
C TYR A 378 -3.00 -5.25 -28.63
N LEU A 379 -2.67 -6.25 -27.80
CA LEU A 379 -2.63 -6.05 -26.36
C LEU A 379 -1.65 -4.95 -25.99
N ARG A 380 -0.44 -5.00 -26.55
CA ARG A 380 0.58 -4.03 -26.20
C ARG A 380 0.19 -2.62 -26.60
N SER A 381 -0.37 -2.46 -27.80
CA SER A 381 -0.86 -1.14 -28.22
C SER A 381 -1.99 -0.67 -27.32
N LYS A 382 -2.90 -1.58 -26.96
CA LYS A 382 -4.00 -1.24 -26.07
C LYS A 382 -3.49 -0.67 -24.75
N VAL A 383 -2.54 -1.36 -24.12
CA VAL A 383 -2.03 -0.92 -22.82
C VAL A 383 -1.29 0.42 -22.96
N LEU A 384 -0.38 0.50 -23.93
CA LEU A 384 0.38 1.73 -24.12
C LEU A 384 -0.54 2.91 -24.47
N SER A 385 -1.53 2.67 -25.34
CA SER A 385 -2.46 3.74 -25.70
C SER A 385 -3.26 4.20 -24.50
N GLU A 386 -3.75 3.26 -23.68
CA GLU A 386 -4.50 3.63 -22.49
C GLU A 386 -3.63 4.40 -21.49
N LEU A 387 -2.36 4.02 -21.38
CA LEU A 387 -1.45 4.68 -20.44
C LEU A 387 -1.10 6.08 -20.92
N LEU A 388 -0.81 6.23 -22.21
CA LEU A 388 -0.38 7.54 -22.72
C LEU A 388 -1.53 8.53 -22.73
N THR A 389 -2.74 8.05 -23.05
CA THR A 389 -3.91 8.93 -23.01
C THR A 389 -4.16 9.44 -21.59
N ASP A 390 -4.05 8.55 -20.60
CA ASP A 390 -4.18 8.99 -19.21
C ASP A 390 -3.17 10.07 -18.88
N THR A 391 -1.93 9.92 -19.36
CA THR A 391 -0.91 10.93 -19.11
C THR A 391 -1.31 12.27 -19.74
N LEU A 392 -1.64 12.26 -21.03
CA LEU A 392 -1.97 13.51 -21.71
C LEU A 392 -3.24 14.14 -21.16
N GLU A 393 -4.20 13.32 -20.72
CA GLU A 393 -5.47 13.86 -20.22
C GLU A 393 -5.32 14.52 -18.85
N ASN A 394 -4.24 14.24 -18.12
CA ASN A 394 -4.10 14.76 -16.77
C ASN A 394 -2.85 15.61 -16.56
N ASP A 395 -1.72 15.26 -17.19
CA ASP A 395 -0.47 15.97 -16.97
C ASP A 395 0.02 16.72 -18.20
N GLY A 396 -0.53 16.45 -19.37
CA GLY A 396 -0.04 17.08 -20.57
C GLY A 396 1.16 16.36 -21.14
N GLU A 397 1.90 17.09 -21.98
CA GLU A 397 3.08 16.58 -22.65
C GLU A 397 4.33 16.76 -21.80
N MET A 398 5.37 16.00 -22.14
CA MET A 398 6.63 16.06 -21.40
C MET A 398 7.83 16.16 -22.34
N TYR A 399 7.74 15.55 -23.52
CA TYR A 399 8.85 15.49 -24.45
C TYR A 399 8.62 16.17 -25.79
N GLY A 400 7.37 16.35 -26.21
CA GLY A 400 7.06 17.01 -27.46
C GLY A 400 6.52 16.10 -28.53
N ASN A 401 6.62 14.79 -28.35
CA ASN A 401 6.17 13.82 -29.34
C ASN A 401 5.06 12.91 -28.81
N GLU A 402 4.46 13.24 -27.68
CA GLU A 402 3.46 12.35 -27.09
C GLU A 402 2.21 12.27 -27.97
N ASN A 403 1.75 13.43 -28.48
CA ASN A 403 0.56 13.42 -29.33
C ASN A 403 0.80 12.62 -30.60
N GLU A 404 1.99 12.73 -31.18
CA GLU A 404 2.31 11.97 -32.38
C GLU A 404 2.47 10.48 -32.07
N VAL A 405 3.09 10.16 -30.93
CA VAL A 405 3.23 8.76 -30.51
C VAL A 405 1.85 8.14 -30.30
N LEU A 406 0.98 8.85 -29.57
CA LEU A 406 -0.36 8.34 -29.31
C LEU A 406 -1.13 8.11 -30.60
N ALA A 407 -0.99 9.03 -31.56
CA ALA A 407 -1.66 8.86 -32.85
C ALA A 407 -1.19 7.60 -33.56
N ALA A 408 0.12 7.45 -33.72
CA ALA A 408 0.65 6.24 -34.35
C ALA A 408 0.37 5.00 -33.52
N LEU A 409 0.27 5.16 -32.21
CA LEU A 409 -0.05 4.03 -31.34
C LEU A 409 -1.45 3.50 -31.63
N ASN A 410 -2.45 4.40 -31.59
CA ASN A 410 -3.82 4.00 -31.93
C ASN A 410 -3.90 3.41 -33.33
N GLY A 411 -3.12 3.95 -34.27
CA GLY A 411 -3.06 3.37 -35.60
C GLY A 411 -2.62 1.92 -35.58
N ALA A 412 -1.50 1.64 -34.89
CA ALA A 412 -1.00 0.28 -34.79
C ALA A 412 -2.00 -0.62 -34.06
N TYR A 413 -2.75 -0.04 -33.11
CA TYR A 413 -3.79 -0.80 -32.40
C TYR A 413 -4.81 -1.38 -33.38
N ASP A 414 -5.43 -0.51 -34.19
CA ASP A 414 -6.43 -0.96 -35.15
C ASP A 414 -5.84 -1.92 -36.18
N LYS A 415 -4.65 -1.60 -36.69
CA LYS A 415 -4.05 -2.44 -37.73
C LYS A 415 -3.81 -3.86 -37.22
N ALA A 416 -3.29 -4.00 -36.00
CA ALA A 416 -3.14 -5.32 -35.41
C ALA A 416 -4.49 -5.95 -35.12
N LEU A 417 -5.45 -5.16 -34.66
CA LEU A 417 -6.79 -5.69 -34.38
C LEU A 417 -7.47 -6.17 -35.65
N LEU A 418 -7.23 -5.49 -36.77
CA LEU A 418 -7.85 -5.89 -38.03
C LEU A 418 -7.25 -7.18 -38.56
N ARG A 419 -5.98 -7.44 -38.26
CA ARG A 419 -5.37 -8.72 -38.64
C ARG A 419 -6.04 -9.87 -37.91
N LEU A 420 -6.26 -9.72 -36.60
CA LEU A 420 -7.04 -10.70 -35.85
C LEU A 420 -8.43 -10.86 -36.43
N PHE A 421 -9.04 -9.75 -36.87
CA PHE A 421 -10.34 -9.80 -37.50
C PHE A 421 -10.31 -10.63 -38.79
N ALA A 422 -9.27 -10.42 -39.60
CA ALA A 422 -9.12 -11.20 -40.83
C ALA A 422 -8.99 -12.69 -40.54
N SER A 423 -8.17 -13.03 -39.55
CA SER A 423 -8.01 -14.44 -39.17
C SER A 423 -9.32 -15.06 -38.71
N ALA A 424 -10.19 -14.27 -38.06
CA ALA A 424 -11.46 -14.79 -37.61
C ALA A 424 -12.41 -15.02 -38.78
N CYS A 425 -12.38 -14.13 -39.78
CA CYS A 425 -13.18 -14.35 -40.98
C CYS A 425 -12.69 -15.58 -41.74
N SER A 426 -11.37 -15.81 -41.73
CA SER A 426 -10.81 -16.99 -42.37
C SER A 426 -11.43 -18.26 -41.79
N ASP A 427 -11.54 -18.34 -40.46
CA ASP A 427 -12.12 -19.50 -39.79
C ASP A 427 -13.64 -19.44 -39.73
N GLN A 428 -14.27 -18.56 -40.51
CA GLN A 428 -15.73 -18.44 -40.58
C GLN A 428 -16.34 -18.10 -39.21
N ASN A 429 -15.56 -17.50 -38.32
CA ASN A 429 -16.01 -17.21 -36.95
C ASN A 429 -16.65 -15.82 -36.91
N VAL A 430 -17.92 -15.77 -37.34
CA VAL A 430 -18.63 -14.50 -37.42
C VAL A 430 -18.76 -13.86 -36.03
N GLU A 431 -18.99 -14.67 -35.00
CA GLU A 431 -19.19 -14.12 -33.66
C GLU A 431 -17.92 -13.49 -33.12
N LYS A 432 -16.80 -14.21 -33.19
CA LYS A 432 -15.54 -13.67 -32.70
C LYS A 432 -15.14 -12.41 -33.45
N ALA A 433 -15.38 -12.39 -34.78
CA ALA A 433 -15.03 -11.22 -35.58
C ALA A 433 -15.79 -9.99 -35.13
N LEU A 434 -17.11 -10.14 -34.91
CA LEU A 434 -17.91 -8.99 -34.48
C LEU A 434 -17.42 -8.43 -33.16
N SER A 435 -17.07 -9.30 -32.21
CA SER A 435 -16.54 -8.84 -30.94
C SER A 435 -15.23 -8.08 -31.13
N LEU A 436 -14.40 -8.53 -32.09
CA LEU A 436 -13.16 -7.82 -32.38
C LEU A 436 -13.45 -6.45 -32.99
N ALA A 437 -14.39 -6.38 -33.92
CA ALA A 437 -14.73 -5.11 -34.54
C ALA A 437 -15.24 -4.09 -33.53
N HIS A 438 -15.89 -4.57 -32.45
CA HIS A 438 -16.34 -3.66 -31.42
C HIS A 438 -15.19 -2.97 -30.72
N GLU A 439 -14.02 -3.62 -30.67
CA GLU A 439 -12.85 -3.06 -30.01
C GLU A 439 -12.05 -2.14 -30.90
N LEU A 440 -12.42 -1.99 -32.17
CA LEU A 440 -11.72 -1.07 -33.05
C LEU A 440 -11.93 0.37 -32.59
N LYS A 441 -10.92 1.21 -32.83
CA LYS A 441 -10.97 2.61 -32.43
C LYS A 441 -11.42 3.50 -33.57
N GLN A 442 -10.58 3.66 -34.58
CA GLN A 442 -10.87 4.58 -35.68
C GLN A 442 -12.08 4.10 -36.48
N ASP A 443 -12.90 5.07 -36.91
CA ASP A 443 -14.01 4.75 -37.79
C ASP A 443 -13.52 4.25 -39.14
N ARG A 444 -12.37 4.77 -39.60
CA ARG A 444 -11.77 4.29 -40.85
C ARG A 444 -11.36 2.83 -40.75
N ALA A 445 -11.19 2.30 -39.54
CA ALA A 445 -10.90 0.87 -39.39
C ALA A 445 -12.16 0.04 -39.38
N LEU A 446 -13.27 0.59 -38.87
CA LEU A 446 -14.56 -0.08 -39.02
C LEU A 446 -14.92 -0.27 -40.48
N THR A 447 -14.64 0.73 -41.31
CA THR A 447 -14.82 0.59 -42.75
C THR A 447 -13.93 -0.52 -43.30
N ALA A 448 -12.65 -0.52 -42.91
CA ALA A 448 -11.72 -1.55 -43.36
C ALA A 448 -12.18 -2.95 -42.94
N ALA A 449 -12.89 -3.06 -41.82
CA ALA A 449 -13.43 -4.35 -41.42
C ALA A 449 -14.58 -4.77 -42.34
N VAL A 450 -15.44 -3.83 -42.71
CA VAL A 450 -16.51 -4.12 -43.66
C VAL A 450 -15.93 -4.64 -44.97
N LYS A 451 -14.86 -4.01 -45.46
CA LYS A 451 -14.25 -4.46 -46.70
C LYS A 451 -13.58 -5.82 -46.54
N ILE A 452 -13.02 -6.11 -45.36
CA ILE A 452 -12.48 -7.44 -45.11
C ILE A 452 -13.61 -8.46 -45.04
N SER A 453 -14.73 -8.09 -44.42
CA SER A 453 -15.87 -8.99 -44.34
C SER A 453 -16.45 -9.27 -45.72
N GLU A 454 -16.42 -8.27 -46.61
CA GLU A 454 -16.89 -8.48 -47.98
C GLU A 454 -16.01 -9.48 -48.72
N ARG A 455 -14.68 -9.37 -48.57
CA ARG A 455 -13.78 -10.33 -49.20
C ARG A 455 -13.94 -11.74 -48.64
N ALA A 456 -14.55 -11.89 -47.46
CA ALA A 456 -14.81 -13.20 -46.90
C ALA A 456 -16.21 -13.69 -47.19
N GLU A 457 -17.03 -12.88 -47.89
CA GLU A 457 -18.40 -13.24 -48.25
C GLU A 457 -19.21 -13.61 -47.01
N LEU A 458 -19.21 -12.70 -46.04
CA LEU A 458 -20.00 -12.85 -44.81
C LEU A 458 -20.95 -11.67 -44.71
N PRO A 459 -22.01 -11.66 -45.53
CA PRO A 459 -22.92 -10.50 -45.52
C PRO A 459 -23.67 -10.32 -44.22
N SER A 460 -23.85 -11.40 -43.45
CA SER A 460 -24.46 -11.27 -42.14
C SER A 460 -23.59 -10.42 -41.21
N LEU A 461 -22.28 -10.66 -41.24
CA LEU A 461 -21.35 -9.86 -40.44
C LEU A 461 -21.33 -8.40 -40.88
N VAL A 462 -21.28 -8.17 -42.20
CA VAL A 462 -21.19 -6.81 -42.74
C VAL A 462 -22.30 -5.94 -42.18
N LYS A 463 -23.53 -6.44 -42.18
CA LYS A 463 -24.66 -5.64 -41.69
C LYS A 463 -24.50 -5.31 -40.21
N LYS A 464 -24.00 -6.27 -39.42
CA LYS A 464 -23.85 -6.02 -37.98
C LYS A 464 -22.73 -5.03 -37.70
N ILE A 465 -21.68 -5.02 -38.53
CA ILE A 465 -20.63 -4.02 -38.38
C ILE A 465 -21.12 -2.65 -38.84
N ASN A 466 -21.93 -2.61 -39.90
CA ASN A 466 -22.49 -1.34 -40.35
C ASN A 466 -23.45 -0.77 -39.32
N ASN A 467 -24.05 -1.62 -38.48
CA ASN A 467 -24.85 -1.12 -37.38
C ASN A 467 -23.98 -0.43 -36.34
N ILE A 468 -22.77 -0.96 -36.12
CA ILE A 468 -21.83 -0.29 -35.22
C ILE A 468 -21.47 1.09 -35.74
N ARG A 469 -21.16 1.18 -37.05
CA ARG A 469 -20.81 2.46 -37.66
C ARG A 469 -21.96 3.45 -37.55
N GLU A 470 -23.19 3.00 -37.81
CA GLU A 470 -24.34 3.89 -37.70
C GLU A 470 -24.56 4.34 -36.27
N ALA A 471 -24.37 3.42 -35.30
CA ALA A 471 -24.54 3.78 -33.90
C ALA A 471 -23.55 4.83 -33.46
N ARG A 472 -22.31 4.75 -33.97
CA ARG A 472 -21.30 5.76 -33.63
C ARG A 472 -21.57 7.07 -34.33
N TYR A 473 -22.11 7.04 -35.55
CA TYR A 473 -22.48 8.27 -36.25
C TYR A 473 -23.59 8.99 -35.52
N GLU A 474 -24.52 8.26 -34.90
CA GLU A 474 -25.62 8.90 -34.19
C GLU A 474 -25.23 9.38 -32.80
N GLN A 475 -24.12 8.89 -32.26
CA GLN A 475 -23.53 9.53 -31.09
C GLN A 475 -22.78 10.80 -31.46
N GLN A 476 -22.37 10.92 -32.72
CA GLN A 476 -21.78 12.15 -33.25
C GLN A 476 -22.82 13.24 -33.46
N LEU A 477 -24.11 12.89 -33.38
CA LEU A 477 -25.21 13.83 -33.55
C LEU A 477 -25.71 14.39 -32.23
N LYS A 478 -25.50 13.67 -31.13
CA LYS A 478 -25.90 14.14 -29.82
C LYS A 478 -24.89 15.16 -29.28
N PHE B 25 -2.71 -13.06 19.15
CA PHE B 25 -2.18 -12.01 20.00
C PHE B 25 -3.14 -11.70 21.15
N ARG B 26 -2.60 -11.25 22.28
CA ARG B 26 -3.37 -11.00 23.49
C ARG B 26 -3.59 -9.50 23.66
N TYR B 27 -4.84 -9.07 23.52
CA TYR B 27 -5.18 -7.68 23.76
C TYR B 27 -5.18 -7.38 25.26
N MET B 28 -4.52 -6.28 25.64
CA MET B 28 -4.39 -5.94 27.05
C MET B 28 -5.14 -4.64 27.34
N PRO B 29 -5.77 -4.52 28.52
CA PRO B 29 -6.51 -3.30 28.86
C PRO B 29 -5.58 -2.09 28.91
N PHE B 30 -5.90 -1.08 28.09
CA PHE B 30 -5.05 0.08 27.89
C PHE B 30 -5.71 1.34 28.43
N SER B 31 -4.88 2.23 28.98
CA SER B 31 -5.33 3.56 29.38
C SER B 31 -4.18 4.54 29.16
N PRO B 32 -4.48 5.79 28.75
CA PRO B 32 -3.42 6.77 28.49
C PRO B 32 -2.50 6.97 29.68
N ALA B 33 -1.21 6.73 29.47
CA ALA B 33 -0.12 6.94 30.43
C ALA B 33 -0.22 6.01 31.63
N GLY B 34 -1.04 4.96 31.54
CA GLY B 34 -1.11 4.01 32.64
C GLY B 34 0.20 3.28 32.84
N THR B 35 0.47 2.97 34.10
CA THR B 35 1.65 2.21 34.50
C THR B 35 1.23 0.84 35.01
N PRO B 36 2.14 -0.13 34.99
CA PRO B 36 1.80 -1.46 35.52
C PRO B 36 2.11 -1.54 37.02
N PHE B 37 1.57 -2.58 37.64
CA PHE B 37 1.89 -2.83 39.04
C PHE B 37 3.36 -3.15 39.20
N GLY B 38 3.92 -3.91 38.26
CA GLY B 38 5.29 -4.35 38.40
C GLY B 38 5.43 -5.20 39.64
N PHE B 39 6.46 -4.91 40.42
CA PHE B 39 6.73 -5.62 41.66
C PHE B 39 6.17 -4.91 42.88
N THR B 40 5.36 -3.87 42.70
CA THR B 40 4.72 -3.16 43.78
C THR B 40 3.25 -3.57 43.87
N ASP B 41 2.51 -2.92 44.78
CA ASP B 41 1.09 -3.17 44.96
C ASP B 41 0.25 -1.97 44.55
N ARG B 42 0.80 -1.06 43.74
CA ARG B 42 0.07 0.12 43.31
C ARG B 42 0.58 0.54 41.95
N ARG B 43 -0.34 1.03 41.12
CA ARG B 43 -0.02 1.52 39.79
C ARG B 43 -0.92 2.70 39.48
N TYR B 44 -0.59 3.41 38.40
CA TYR B 44 -1.45 4.47 37.90
C TYR B 44 -2.38 3.92 36.83
N LEU B 45 -3.68 4.20 36.99
CA LEU B 45 -4.65 3.77 35.99
C LEU B 45 -4.49 4.57 34.70
N THR B 46 -4.55 5.90 34.82
CA THR B 46 -4.36 6.80 33.69
C THR B 46 -3.77 8.10 34.22
N MET B 47 -3.39 8.98 33.29
CA MET B 47 -2.59 10.13 33.66
C MET B 47 -2.49 11.10 32.48
N ASN B 48 -2.81 12.37 32.69
CA ASN B 48 -2.72 13.35 31.61
C ASN B 48 -2.47 14.73 32.23
N GLU B 49 -2.83 15.77 31.48
CA GLU B 49 -2.61 17.14 31.95
C GLU B 49 -3.55 17.52 33.09
N VAL B 50 -4.67 16.82 33.24
CA VAL B 50 -5.63 17.17 34.28
C VAL B 50 -5.20 16.63 35.63
N GLY B 51 -4.69 15.39 35.66
CA GLY B 51 -4.28 14.79 36.90
C GLY B 51 -3.84 13.35 36.68
N TYR B 52 -3.94 12.56 37.75
CA TYR B 52 -3.53 11.16 37.71
C TYR B 52 -4.45 10.34 38.60
N VAL B 53 -4.73 9.12 38.16
CA VAL B 53 -5.60 8.20 38.89
C VAL B 53 -4.79 6.97 39.27
N SER B 54 -4.66 6.72 40.57
CA SER B 54 -3.92 5.59 41.09
C SER B 54 -4.86 4.57 41.68
N THR B 55 -4.39 3.32 41.73
CA THR B 55 -5.11 2.22 42.37
C THR B 55 -4.14 1.45 43.24
N VAL B 56 -4.60 1.06 44.43
CA VAL B 56 -3.79 0.34 45.40
C VAL B 56 -4.50 -0.96 45.77
N LYS B 57 -3.76 -2.07 45.73
CA LYS B 57 -4.30 -3.33 46.21
C LYS B 57 -4.58 -3.24 47.71
N ASN B 58 -5.82 -3.52 48.09
CA ASN B 58 -6.28 -3.39 49.47
C ASN B 58 -6.86 -4.74 49.88
N SER B 59 -5.99 -5.63 50.37
CA SER B 59 -6.38 -6.99 50.73
C SER B 59 -7.00 -7.71 49.54
N GLU B 60 -8.33 -7.70 49.47
CA GLU B 60 -9.06 -8.34 48.39
C GLU B 60 -9.81 -7.33 47.51
N GLN B 61 -9.79 -6.06 47.88
CA GLN B 61 -10.40 -5.01 47.06
C GLN B 61 -9.32 -4.04 46.60
N TYR B 62 -9.72 -2.82 46.20
CA TYR B 62 -8.76 -1.85 45.70
C TYR B 62 -9.13 -0.47 46.21
N SER B 63 -8.12 0.41 46.29
CA SER B 63 -8.28 1.79 46.72
C SER B 63 -7.87 2.71 45.57
N ILE B 64 -8.87 3.28 44.89
CA ILE B 64 -8.62 4.17 43.76
C ILE B 64 -8.59 5.61 44.27
N THR B 65 -7.57 6.36 43.84
CA THR B 65 -7.38 7.74 44.25
C THR B 65 -7.26 8.62 43.01
N VAL B 66 -8.22 9.53 42.83
CA VAL B 66 -8.20 10.48 41.73
C VAL B 66 -7.61 11.78 42.23
N SER B 67 -6.48 12.18 41.64
CA SER B 67 -5.74 13.38 42.06
C SER B 67 -5.56 14.30 40.87
N PHE B 68 -5.46 15.60 41.15
CA PHE B 68 -5.38 16.62 40.12
C PHE B 68 -4.11 17.45 40.28
N PHE B 69 -3.69 18.06 39.17
CA PHE B 69 -2.50 18.91 39.17
C PHE B 69 -2.80 20.35 39.52
N ASP B 70 -4.01 20.83 39.21
CA ASP B 70 -4.46 22.14 39.64
C ASP B 70 -5.23 21.93 40.93
N VAL B 71 -4.51 21.98 42.06
CA VAL B 71 -5.13 21.71 43.36
C VAL B 71 -6.18 22.77 43.70
N GLY B 72 -6.06 23.96 43.13
CA GLY B 72 -7.06 24.99 43.39
C GLY B 72 -8.41 24.67 42.78
N ARG B 73 -8.41 24.14 41.54
CA ARG B 73 -9.66 23.85 40.85
C ARG B 73 -10.38 22.66 41.49
N PHE B 74 -9.72 21.51 41.52
CA PHE B 74 -10.36 20.25 41.91
C PHE B 74 -9.80 19.76 43.24
N ARG B 75 -10.64 19.01 43.96
CA ARG B 75 -10.28 18.41 45.24
C ARG B 75 -10.04 16.92 45.06
N GLU B 76 -8.85 16.46 45.43
CA GLU B 76 -8.51 15.05 45.36
C GLU B 76 -9.46 14.21 46.21
N TYR B 77 -9.94 13.11 45.63
CA TYR B 77 -10.82 12.19 46.35
C TYR B 77 -10.38 10.75 46.09
N HIS B 78 -11.00 9.82 46.81
CA HIS B 78 -10.66 8.41 46.68
C HIS B 78 -11.87 7.56 47.09
N PHE B 79 -11.87 6.31 46.64
CA PHE B 79 -12.98 5.41 46.93
C PHE B 79 -12.52 3.97 46.82
N GLU B 80 -13.37 3.05 47.25
CA GLU B 80 -13.06 1.63 47.35
C GLU B 80 -13.58 0.90 46.13
N ASP B 81 -12.67 0.23 45.41
CA ASP B 81 -13.01 -0.48 44.17
C ASP B 81 -13.24 -1.95 44.50
N LEU B 82 -14.51 -2.35 44.53
CA LEU B 82 -14.88 -3.74 44.76
C LEU B 82 -15.00 -4.53 43.46
N PHE B 83 -14.64 -3.93 42.33
CA PHE B 83 -14.78 -4.56 41.03
C PHE B 83 -13.46 -4.90 40.37
N GLY B 84 -12.42 -4.11 40.62
CA GLY B 84 -11.12 -4.37 40.03
C GLY B 84 -10.89 -3.57 38.77
N TYR B 85 -11.27 -2.30 38.78
CA TYR B 85 -11.12 -1.45 37.61
C TYR B 85 -9.68 -1.41 37.12
N ASP B 86 -9.47 -1.82 35.88
CA ASP B 86 -8.16 -1.77 35.24
C ASP B 86 -8.15 -0.86 34.02
N LEU B 87 -9.24 -0.13 33.80
CA LEU B 87 -9.38 0.81 32.68
C LEU B 87 -9.85 2.15 33.23
N CYS B 88 -9.25 3.23 32.75
CA CYS B 88 -9.61 4.55 33.23
C CYS B 88 -9.29 5.60 32.18
N PHE B 89 -10.06 6.70 32.21
CA PHE B 89 -9.81 7.86 31.37
C PHE B 89 -10.26 9.11 32.14
N LEU B 90 -9.43 10.14 32.14
CA LEU B 90 -9.68 11.35 32.92
C LEU B 90 -9.84 12.54 31.99
N ASN B 91 -10.91 13.31 32.18
CA ASN B 91 -11.10 14.59 31.50
C ASN B 91 -11.35 15.67 32.55
N GLU B 92 -11.66 16.88 32.08
CA GLU B 92 -11.80 18.01 32.98
C GLU B 92 -13.12 18.04 33.75
N LYS B 93 -14.10 17.22 33.37
CA LYS B 93 -15.41 17.24 34.02
C LYS B 93 -15.77 15.95 34.74
N GLY B 94 -15.07 14.86 34.49
CA GLY B 94 -15.39 13.60 35.13
C GLY B 94 -14.30 12.58 34.92
N THR B 95 -14.46 11.44 35.59
CA THR B 95 -13.52 10.33 35.49
C THR B 95 -14.29 9.08 35.06
N LEU B 96 -13.77 8.37 34.08
CA LEU B 96 -14.40 7.15 33.58
C LEU B 96 -13.58 5.95 34.02
N PHE B 97 -14.26 4.95 34.58
CA PHE B 97 -13.62 3.73 35.05
C PHE B 97 -14.20 2.53 34.31
N GLY B 98 -13.34 1.56 34.01
CA GLY B 98 -13.77 0.40 33.26
C GLY B 98 -13.17 -0.90 33.77
N GLN B 99 -13.94 -1.98 33.70
CA GLN B 99 -13.50 -3.30 34.10
C GLN B 99 -13.42 -4.17 32.84
N SER B 100 -12.21 -4.54 32.46
CA SER B 100 -11.99 -5.19 31.17
C SER B 100 -12.65 -6.56 31.09
N LYS B 101 -12.80 -7.24 32.23
CA LYS B 101 -13.28 -8.62 32.22
C LYS B 101 -14.80 -8.71 32.40
N THR B 102 -15.35 -8.04 33.42
CA THR B 102 -16.79 -8.11 33.63
C THR B 102 -17.56 -7.19 32.69
N GLY B 103 -16.88 -6.22 32.07
CA GLY B 103 -17.55 -5.32 31.16
C GLY B 103 -18.29 -4.19 31.83
N GLN B 104 -17.94 -3.87 33.08
CA GLN B 104 -18.63 -2.85 33.84
C GLN B 104 -17.87 -1.54 33.74
N ILE B 105 -18.58 -0.48 33.36
CA ILE B 105 -18.01 0.86 33.31
C ILE B 105 -18.76 1.74 34.29
N GLN B 106 -18.09 2.76 34.80
CA GLN B 106 -18.71 3.74 35.69
C GLN B 106 -18.12 5.11 35.39
N TYR B 107 -18.99 6.10 35.30
CA TYR B 107 -18.58 7.48 35.04
C TYR B 107 -18.89 8.31 36.28
N ARG B 108 -17.85 8.91 36.86
CA ARG B 108 -18.01 9.73 38.06
C ARG B 108 -17.73 11.18 37.70
N PRO B 109 -18.76 12.00 37.47
CA PRO B 109 -18.51 13.44 37.30
C PRO B 109 -17.88 14.02 38.54
N HIS B 110 -16.93 14.94 38.33
CA HIS B 110 -16.26 15.57 39.46
C HIS B 110 -17.24 16.38 40.30
N ASP B 111 -18.07 17.18 39.64
CA ASP B 111 -19.06 17.99 40.31
C ASP B 111 -20.27 17.16 40.74
N SER B 112 -20.88 17.58 41.83
CA SER B 112 -22.09 16.94 42.37
C SER B 112 -23.34 17.21 41.55
N ILE B 113 -23.26 18.02 40.48
CA ILE B 113 -24.45 18.35 39.71
C ILE B 113 -25.11 17.08 39.17
N HIS B 114 -24.36 16.31 38.38
CA HIS B 114 -24.87 15.08 37.79
C HIS B 114 -24.41 13.87 38.59
N SER B 115 -25.29 12.88 38.70
CA SER B 115 -25.02 11.69 39.48
C SER B 115 -24.06 10.77 38.72
N ASN B 116 -23.37 9.94 39.48
CA ASN B 116 -22.59 8.87 38.86
C ASN B 116 -23.55 7.89 38.19
N TRP B 117 -23.04 7.18 37.18
CA TRP B 117 -23.85 6.17 36.52
C TRP B 117 -22.97 5.00 36.10
N THR B 118 -23.60 3.83 36.03
CA THR B 118 -22.92 2.58 35.75
C THR B 118 -23.67 1.81 34.67
N LYS B 119 -22.92 1.23 33.74
CA LYS B 119 -23.47 0.33 32.74
C LYS B 119 -22.65 -0.94 32.72
N ILE B 120 -23.22 -2.00 32.13
CA ILE B 120 -22.50 -3.25 31.92
C ILE B 120 -22.44 -3.48 30.41
N ILE B 121 -21.24 -3.43 29.85
CA ILE B 121 -21.06 -3.60 28.42
C ILE B 121 -21.23 -5.08 28.07
N PRO B 122 -22.07 -5.42 27.10
CA PRO B 122 -22.16 -6.82 26.65
C PRO B 122 -20.82 -7.31 26.12
N LEU B 123 -20.38 -8.46 26.62
CA LEU B 123 -19.15 -9.09 26.18
C LEU B 123 -19.42 -10.54 25.82
N GLN B 124 -18.92 -10.96 24.66
CA GLN B 124 -19.08 -12.33 24.19
C GLN B 124 -18.01 -13.21 24.81
N ALA B 125 -17.88 -14.42 24.28
CA ALA B 125 -16.86 -15.35 24.74
C ALA B 125 -15.47 -14.75 24.52
N GLY B 126 -14.75 -14.51 25.61
CA GLY B 126 -13.41 -13.97 25.53
C GLY B 126 -13.32 -12.53 25.06
N GLU B 127 -14.45 -11.85 24.85
CA GLU B 127 -14.40 -10.44 24.52
C GLU B 127 -14.05 -9.64 25.76
N ARG B 128 -13.11 -8.71 25.62
CA ARG B 128 -12.66 -7.87 26.72
C ARG B 128 -12.73 -6.41 26.29
N ILE B 129 -13.06 -5.54 27.24
CA ILE B 129 -12.93 -4.12 26.98
C ILE B 129 -11.44 -3.77 27.01
N THR B 130 -10.95 -3.16 25.93
CA THR B 130 -9.53 -2.92 25.78
C THR B 130 -9.13 -1.48 26.02
N SER B 131 -10.09 -0.55 25.99
CA SER B 131 -9.80 0.87 26.12
C SER B 131 -11.10 1.62 26.32
N VAL B 132 -11.09 2.58 27.23
CA VAL B 132 -12.23 3.47 27.44
C VAL B 132 -11.74 4.91 27.31
N ALA B 133 -12.67 5.80 26.97
CA ALA B 133 -12.35 7.21 26.84
C ALA B 133 -13.60 8.02 27.13
N ALA B 134 -13.40 9.22 27.64
CA ALA B 134 -14.51 10.09 27.97
C ALA B 134 -14.11 11.55 27.84
N THR B 135 -15.00 12.34 27.28
CA THR B 135 -14.95 13.79 27.29
C THR B 135 -16.11 14.31 28.11
N PRO B 136 -16.18 15.62 28.35
CA PRO B 136 -17.36 16.17 29.03
C PRO B 136 -18.67 15.87 28.33
N VAL B 137 -18.66 15.51 27.06
CA VAL B 137 -19.90 15.29 26.30
C VAL B 137 -20.04 13.88 25.75
N ARG B 138 -19.00 13.05 25.78
CA ARG B 138 -19.05 11.74 25.15
C ARG B 138 -18.32 10.71 26.00
N VAL B 139 -18.82 9.47 25.97
CA VAL B 139 -18.17 8.33 26.61
C VAL B 139 -18.02 7.23 25.57
N ILE B 140 -16.80 6.71 25.42
CA ILE B 140 -16.49 5.72 24.40
C ILE B 140 -15.92 4.47 25.05
N VAL B 141 -16.38 3.31 24.60
CA VAL B 141 -15.89 2.01 25.05
C VAL B 141 -15.53 1.17 23.84
N GLY B 142 -14.30 0.69 23.80
CA GLY B 142 -13.84 -0.19 22.73
C GLY B 142 -13.47 -1.55 23.26
N THR B 143 -13.80 -2.59 22.50
CA THR B 143 -13.57 -3.96 22.92
C THR B 143 -12.53 -4.64 22.03
N SER B 144 -12.17 -5.86 22.43
CA SER B 144 -11.16 -6.63 21.72
C SER B 144 -11.69 -7.24 20.43
N LEU B 145 -13.00 -7.29 20.26
CA LEU B 145 -13.59 -7.72 19.00
C LEU B 145 -13.85 -6.57 18.05
N GLY B 146 -13.57 -5.34 18.48
CA GLY B 146 -13.78 -4.19 17.63
C GLY B 146 -15.13 -3.54 17.75
N TYR B 147 -15.81 -3.73 18.89
CA TYR B 147 -17.09 -3.08 19.12
C TYR B 147 -16.85 -1.69 19.68
N PHE B 148 -17.48 -0.69 19.06
CA PHE B 148 -17.29 0.72 19.38
C PHE B 148 -18.62 1.24 19.94
N ARG B 149 -18.73 1.22 21.26
CA ARG B 149 -19.96 1.63 21.93
C ARG B 149 -19.76 3.02 22.52
N SER B 150 -20.60 3.96 22.10
CA SER B 150 -20.51 5.35 22.53
C SER B 150 -21.79 5.78 23.24
N PHE B 151 -21.63 6.74 24.16
CA PHE B 151 -22.74 7.29 24.94
C PHE B 151 -22.51 8.78 25.12
N ASN B 152 -23.55 9.49 25.57
CA ASN B 152 -23.37 10.88 25.96
C ASN B 152 -22.97 10.95 27.43
N GLN B 153 -22.88 12.17 27.98
CA GLN B 153 -22.40 12.34 29.34
C GLN B 153 -23.33 11.71 30.38
N PHE B 154 -24.58 11.45 30.02
CA PHE B 154 -25.54 10.87 30.94
C PHE B 154 -25.74 9.36 30.74
N GLY B 155 -25.10 8.78 29.73
CA GLY B 155 -25.22 7.35 29.50
C GLY B 155 -26.19 6.93 28.44
N VAL B 156 -26.71 7.87 27.65
CA VAL B 156 -27.66 7.54 26.58
C VAL B 156 -26.89 6.92 25.41
N PRO B 157 -27.20 5.67 25.06
CA PRO B 157 -26.38 4.97 24.07
C PRO B 157 -26.55 5.49 22.66
N PHE B 158 -25.43 5.58 21.95
CA PHE B 158 -25.43 5.88 20.53
C PHE B 158 -25.52 4.57 19.77
N ALA B 159 -25.55 4.65 18.44
CA ALA B 159 -25.53 3.44 17.64
C ALA B 159 -24.27 2.64 17.94
N VAL B 160 -24.37 1.32 17.84
CA VAL B 160 -23.25 0.42 18.07
C VAL B 160 -22.60 0.13 16.73
N GLU B 161 -21.27 0.22 16.68
CA GLU B 161 -20.53 0.02 15.45
C GLU B 161 -19.51 -1.11 15.64
N LYS B 162 -19.32 -1.88 14.58
CA LYS B 162 -18.31 -2.95 14.55
C LYS B 162 -17.15 -2.47 13.68
N THR B 163 -15.95 -2.40 14.28
CA THR B 163 -14.76 -2.00 13.55
C THR B 163 -13.66 -3.04 13.77
N SER B 164 -12.43 -2.67 13.41
CA SER B 164 -11.30 -3.53 13.75
C SER B 164 -11.08 -3.54 15.25
N PRO B 165 -10.49 -4.61 15.79
CA PRO B 165 -10.20 -4.67 17.23
C PRO B 165 -9.47 -3.41 17.70
N ILE B 166 -10.00 -2.82 18.76
CA ILE B 166 -9.50 -1.56 19.28
C ILE B 166 -8.48 -1.84 20.37
N VAL B 167 -7.33 -1.16 20.30
CA VAL B 167 -6.29 -1.31 21.31
C VAL B 167 -6.11 -0.05 22.14
N ALA B 168 -6.45 1.13 21.62
CA ALA B 168 -6.28 2.37 22.35
C ALA B 168 -7.30 3.38 21.86
N LEU B 169 -7.85 4.15 22.82
CA LEU B 169 -8.81 5.20 22.52
C LEU B 169 -8.44 6.45 23.28
N THR B 170 -8.52 7.59 22.60
CA THR B 170 -8.56 8.88 23.27
C THR B 170 -9.61 9.72 22.57
N ALA B 171 -10.05 10.77 23.26
CA ALA B 171 -11.10 11.60 22.70
C ALA B 171 -10.95 13.03 23.22
N GLN B 172 -11.65 13.94 22.55
CA GLN B 172 -11.60 15.36 22.90
C GLN B 172 -12.83 16.02 22.32
N ASN B 173 -13.66 16.59 23.18
CA ASN B 173 -14.95 17.15 22.79
C ASN B 173 -15.81 16.08 22.13
N TYR B 174 -16.03 16.19 20.82
CA TYR B 174 -16.88 15.25 20.10
C TYR B 174 -16.10 14.34 19.17
N ARG B 175 -14.77 14.42 19.18
CA ARG B 175 -13.93 13.69 18.23
C ARG B 175 -13.21 12.56 18.94
N VAL B 176 -13.05 11.45 18.25
CA VAL B 176 -12.45 10.23 18.80
C VAL B 176 -11.27 9.82 17.95
N PHE B 177 -10.16 9.50 18.61
CA PHE B 177 -8.97 8.95 17.97
C PHE B 177 -8.83 7.51 18.44
N SER B 178 -8.97 6.56 17.53
CA SER B 178 -8.96 5.14 17.86
C SER B 178 -7.81 4.44 17.15
N VAL B 179 -7.17 3.51 17.85
CA VAL B 179 -6.08 2.70 17.31
C VAL B 179 -6.57 1.26 17.22
N HIS B 180 -6.38 0.64 16.06
CA HIS B 180 -6.84 -0.72 15.81
C HIS B 180 -5.67 -1.61 15.43
N TYR B 181 -5.79 -2.90 15.75
CA TYR B 181 -4.74 -3.86 15.43
C TYR B 181 -5.35 -5.19 15.02
N SER B 182 -5.12 -5.60 13.78
CA SER B 182 -5.38 -6.94 13.30
C SER B 182 -4.05 -7.66 13.06
N GLN B 183 -4.12 -8.98 12.94
CA GLN B 183 -2.97 -9.74 12.45
C GLN B 183 -2.82 -9.61 10.94
N PHE B 184 -3.82 -9.04 10.26
CA PHE B 184 -3.80 -8.88 8.81
C PHE B 184 -3.17 -7.53 8.44
N HIS B 185 -3.83 -6.44 8.81
CA HIS B 185 -3.38 -5.11 8.41
C HIS B 185 -2.22 -4.62 9.28
N GLY B 186 -2.15 -5.07 10.52
CA GLY B 186 -1.19 -4.50 11.47
C GLY B 186 -1.84 -3.42 12.30
N LEU B 187 -1.13 -2.30 12.45
CA LEU B 187 -1.59 -1.19 13.28
C LEU B 187 -2.20 -0.10 12.41
N SER B 188 -3.48 0.18 12.60
CA SER B 188 -4.18 1.27 11.94
C SER B 188 -4.73 2.25 12.97
N TYR B 189 -5.26 3.36 12.47
CA TYR B 189 -5.91 4.35 13.31
C TYR B 189 -7.14 4.89 12.59
N SER B 190 -8.10 5.39 13.38
CA SER B 190 -9.29 6.03 12.84
C SER B 190 -9.54 7.33 13.59
N LEU B 191 -10.01 8.33 12.86
CA LEU B 191 -10.32 9.64 13.42
C LEU B 191 -11.75 10.00 13.06
N SER B 192 -12.62 10.10 14.05
CA SER B 192 -14.05 10.27 13.81
C SER B 192 -14.64 11.37 14.70
N GLU B 193 -15.87 11.75 14.36
CA GLU B 193 -16.67 12.71 15.10
C GLU B 193 -17.98 12.07 15.50
N LEU B 194 -18.32 12.14 16.79
CA LEU B 194 -19.56 11.57 17.31
C LEU B 194 -20.63 12.67 17.36
N GLY B 195 -21.26 12.91 16.22
CA GLY B 195 -22.29 13.92 16.10
C GLY B 195 -23.55 13.57 16.88
N THR B 196 -24.55 14.43 16.75
CA THR B 196 -25.80 14.23 17.48
C THR B 196 -26.53 12.97 17.03
N SER B 197 -26.49 12.70 15.73
CA SER B 197 -27.22 11.56 15.15
C SER B 197 -26.33 10.32 15.16
N SER B 198 -25.28 10.32 14.35
CA SER B 198 -24.43 9.15 14.18
C SER B 198 -22.97 9.59 14.08
N LYS B 199 -22.10 8.59 13.93
CA LYS B 199 -20.66 8.77 13.84
C LYS B 199 -20.21 9.00 12.41
N ARG B 200 -19.40 10.04 12.20
CA ARG B 200 -18.85 10.36 10.89
C ARG B 200 -17.32 10.31 10.98
N TYR B 201 -16.69 9.74 9.97
CA TYR B 201 -15.24 9.57 9.95
C TYR B 201 -14.53 10.71 9.21
N TYR B 202 -13.42 11.16 9.79
CA TYR B 202 -12.46 11.97 9.07
C TYR B 202 -11.40 11.11 8.39
N LYS B 203 -11.05 10.00 9.02
CA LYS B 203 -10.08 9.02 8.52
C LYS B 203 -10.51 7.67 9.05
N ARG B 204 -10.47 6.63 8.21
CA ARG B 204 -10.91 5.30 8.62
C ARG B 204 -9.81 4.28 8.36
N GLU B 205 -9.19 3.80 9.45
CA GLU B 205 -8.25 2.68 9.42
C GLU B 205 -7.09 2.91 8.46
N CYS B 206 -6.54 4.13 8.48
CA CYS B 206 -5.30 4.42 7.79
C CYS B 206 -4.12 3.85 8.56
N PRO B 207 -3.00 3.59 7.87
CA PRO B 207 -1.83 3.00 8.55
C PRO B 207 -1.30 3.92 9.65
N LEU B 208 -0.96 3.32 10.79
CA LEU B 208 -0.38 4.03 11.92
C LEU B 208 1.10 3.71 12.00
N PRO B 209 1.97 4.58 11.51
CA PRO B 209 3.39 4.26 11.40
C PRO B 209 4.16 4.36 12.70
N MET B 210 3.52 4.01 13.82
CA MET B 210 4.22 4.03 15.09
C MET B 210 5.15 2.83 15.20
N SER B 211 6.37 3.08 15.67
CA SER B 211 7.33 2.00 15.81
C SER B 211 6.94 1.09 16.97
N LEU B 212 6.80 -0.20 16.70
CA LEU B 212 6.53 -1.18 17.72
C LEU B 212 7.80 -1.49 18.52
N PRO B 213 7.66 -2.03 19.73
CA PRO B 213 8.86 -2.35 20.52
C PRO B 213 9.63 -3.51 19.92
N ASN B 214 10.93 -3.52 20.20
CA ASN B 214 11.84 -4.57 19.76
C ASN B 214 12.37 -5.28 21.01
N ILE B 215 11.67 -6.34 21.43
CA ILE B 215 12.00 -7.06 22.64
C ILE B 215 13.03 -8.15 22.32
N ASN B 216 14.05 -8.27 23.16
CA ASN B 216 15.14 -9.20 22.97
C ASN B 216 14.95 -10.42 23.86
N SER B 217 15.95 -11.31 23.88
CA SER B 217 15.94 -12.45 24.79
C SER B 217 16.59 -12.14 26.13
N ASP B 218 17.49 -11.15 26.17
CA ASP B 218 18.02 -10.66 27.44
C ASP B 218 16.98 -9.84 28.20
N MET B 219 15.95 -9.35 27.51
CA MET B 219 14.87 -8.61 28.16
C MET B 219 13.98 -9.51 29.02
N LYS B 220 14.17 -10.83 28.97
CA LYS B 220 13.43 -11.73 29.83
C LYS B 220 13.85 -11.63 31.29
N LYS B 221 14.99 -10.99 31.56
CA LYS B 221 15.42 -10.66 32.92
C LYS B 221 15.58 -9.15 33.10
N ASP B 222 15.18 -8.36 32.11
CA ASP B 222 15.20 -6.91 32.23
C ASP B 222 14.16 -6.42 33.22
N ALA B 223 14.45 -5.29 33.86
CA ALA B 223 13.53 -4.73 34.85
C ALA B 223 12.28 -4.13 34.21
N ASN B 224 12.34 -3.74 32.95
CA ASN B 224 11.22 -3.10 32.27
C ASN B 224 10.36 -4.06 31.46
N LEU B 225 10.66 -5.36 31.48
CA LEU B 225 9.82 -6.31 30.75
C LEU B 225 8.38 -6.29 31.25
N ASP B 226 8.18 -5.98 32.53
CA ASP B 226 6.82 -5.90 33.08
C ASP B 226 5.95 -4.92 32.31
N TYR B 227 6.54 -3.83 31.81
CA TYR B 227 5.76 -2.85 31.07
C TYR B 227 5.25 -3.44 29.76
N TYR B 228 6.14 -4.04 28.98
CA TYR B 228 5.75 -4.52 27.66
C TYR B 228 4.90 -5.79 27.74
N ASN B 229 4.72 -6.36 28.93
CA ASN B 229 3.70 -7.38 29.13
C ASN B 229 2.35 -6.77 29.47
N PHE B 230 2.38 -5.58 30.08
CA PHE B 230 1.19 -4.83 30.45
C PHE B 230 0.68 -3.97 29.30
N ASN B 231 1.59 -3.54 28.43
CA ASN B 231 1.25 -2.76 27.23
C ASN B 231 2.13 -3.26 26.11
N PRO B 232 1.73 -4.35 25.45
CA PRO B 232 2.59 -4.94 24.41
C PRO B 232 2.90 -4.00 23.27
N MET B 233 1.94 -3.15 22.89
CA MET B 233 2.14 -2.26 21.75
C MET B 233 3.13 -1.14 22.06
N GLY B 234 3.36 -0.83 23.33
CA GLY B 234 4.26 0.24 23.68
C GLY B 234 3.69 1.63 23.52
N ILE B 235 2.37 1.77 23.47
CA ILE B 235 1.74 3.08 23.39
C ILE B 235 1.75 3.69 24.78
N LYS B 236 2.80 4.45 25.11
CA LYS B 236 2.89 5.04 26.43
C LYS B 236 1.71 5.96 26.70
N SER B 237 1.42 6.88 25.77
CA SER B 237 0.19 7.66 25.83
C SER B 237 -0.22 8.07 24.42
N LEU B 238 -1.48 8.45 24.30
CA LEU B 238 -1.99 9.07 23.09
C LEU B 238 -3.05 10.08 23.49
N PHE B 239 -3.17 11.15 22.71
CA PHE B 239 -4.05 12.25 23.09
C PHE B 239 -4.19 13.22 21.93
N PHE B 240 -5.26 14.01 21.99
CA PHE B 240 -5.37 15.19 21.16
C PHE B 240 -4.52 16.32 21.75
N SER B 241 -3.96 17.15 20.88
CA SER B 241 -3.25 18.31 21.35
C SER B 241 -4.26 19.35 21.86
N SER B 242 -3.73 20.43 22.46
CA SER B 242 -4.60 21.50 22.91
C SER B 242 -5.36 22.14 21.77
N TYR B 243 -4.83 22.05 20.55
CA TYR B 243 -5.46 22.59 19.35
C TYR B 243 -6.16 21.52 18.51
N GLY B 244 -6.32 20.31 19.04
CA GLY B 244 -7.12 19.30 18.39
C GLY B 244 -6.41 18.42 17.39
N ASP B 245 -5.07 18.27 17.48
CA ASP B 245 -4.42 17.36 16.56
C ASP B 245 -4.03 16.06 17.25
N PRO B 246 -4.25 14.92 16.60
CA PRO B 246 -3.94 13.63 17.25
C PRO B 246 -2.45 13.42 17.43
N CYS B 247 -2.08 12.90 18.61
CA CYS B 247 -0.69 12.62 18.95
C CYS B 247 -0.59 11.24 19.58
N ILE B 248 0.53 10.57 19.31
CA ILE B 248 0.81 9.27 19.91
C ILE B 248 2.28 9.22 20.31
N PHE B 249 2.57 8.46 21.36
CA PHE B 249 3.89 8.40 21.97
C PHE B 249 4.25 6.93 22.21
N GLY B 250 5.04 6.35 21.30
CA GLY B 250 5.37 4.95 21.34
C GLY B 250 6.58 4.63 22.19
N SER B 251 6.98 3.36 22.16
CA SER B 251 8.13 2.91 22.94
C SER B 251 9.44 3.52 22.44
N ASP B 252 9.47 4.03 21.21
CA ASP B 252 10.65 4.73 20.70
C ASP B 252 10.74 6.15 21.23
N ASN B 253 9.85 6.52 22.15
CA ASN B 253 9.89 7.81 22.86
C ASN B 253 9.90 8.99 21.90
N THR B 254 9.28 8.82 20.73
CA THR B 254 9.12 9.90 19.76
C THR B 254 7.66 10.31 19.69
N LEU B 255 7.42 11.61 19.82
CA LEU B 255 6.07 12.15 19.73
C LEU B 255 5.68 12.27 18.25
N LEU B 256 4.64 11.54 17.86
CA LEU B 256 4.12 11.61 16.50
C LEU B 256 2.84 12.42 16.48
N LEU B 257 2.76 13.39 15.57
CA LEU B 257 1.59 14.23 15.40
C LEU B 257 1.01 14.04 14.01
N LEU B 258 -0.31 13.92 13.94
CA LEU B 258 -1.00 13.76 12.68
C LEU B 258 -1.38 15.14 12.11
N SER B 259 -0.80 15.48 10.96
CA SER B 259 -1.10 16.73 10.28
C SER B 259 -2.00 16.46 9.08
N LYS B 260 -2.78 17.48 8.71
CA LYS B 260 -3.62 17.44 7.53
C LYS B 260 -4.66 16.32 7.59
N TRP B 261 -5.13 15.98 8.80
CA TRP B 261 -6.10 14.91 8.94
C TRP B 261 -7.46 15.28 8.38
N ARG B 262 -7.68 16.56 8.06
CA ARG B 262 -8.94 16.97 7.46
C ARG B 262 -8.96 16.68 5.96
N SER B 263 -7.80 16.52 5.34
CA SER B 263 -7.68 16.19 3.92
C SER B 263 -7.11 14.78 3.79
N PRO B 264 -7.94 13.77 3.52
CA PRO B 264 -7.46 12.38 3.52
C PRO B 264 -6.25 12.13 2.64
N GLU B 265 -6.19 12.74 1.46
CA GLU B 265 -5.06 12.50 0.56
C GLU B 265 -3.79 13.19 1.03
N GLU B 266 -3.85 14.03 2.07
CA GLU B 266 -2.70 14.79 2.53
C GLU B 266 -2.28 14.45 3.95
N SER B 267 -2.93 13.48 4.60
CA SER B 267 -2.64 13.21 6.00
C SER B 267 -1.24 12.64 6.16
N LYS B 268 -0.48 13.21 7.10
CA LYS B 268 0.89 12.79 7.35
C LYS B 268 1.13 12.73 8.85
N TRP B 269 1.79 11.67 9.31
CA TRP B 269 2.27 11.59 10.68
C TRP B 269 3.66 12.23 10.75
N LEU B 270 3.81 13.25 11.59
CA LEU B 270 5.04 14.02 11.67
C LEU B 270 5.73 13.78 13.01
N PRO B 271 6.96 13.29 13.03
CA PRO B 271 7.72 13.22 14.28
C PRO B 271 8.19 14.61 14.69
N ILE B 272 7.70 15.10 15.83
CA ILE B 272 7.98 16.46 16.27
C ILE B 272 8.77 16.51 17.57
N LEU B 273 9.16 15.37 18.13
CA LEU B 273 9.93 15.38 19.36
C LEU B 273 10.63 14.03 19.54
N ASP B 274 11.96 14.05 19.56
CA ASP B 274 12.76 12.89 19.97
C ASP B 274 13.15 13.13 21.42
N SER B 275 12.36 12.60 22.34
CA SER B 275 12.59 12.86 23.75
C SER B 275 13.90 12.24 24.24
N ASN B 276 14.36 11.16 23.60
CA ASN B 276 15.68 10.64 23.91
C ASN B 276 16.76 11.66 23.57
N MET B 277 16.55 12.45 22.53
CA MET B 277 17.52 13.46 22.14
C MET B 277 17.47 14.67 23.07
N GLU B 278 16.28 15.08 23.47
CA GLU B 278 16.16 16.18 24.43
C GLU B 278 16.83 15.83 25.76
N ILE B 279 16.62 14.59 26.23
CA ILE B 279 17.30 14.14 27.45
C ILE B 279 18.82 14.15 27.25
N TRP B 280 19.27 13.67 26.09
CA TRP B 280 20.70 13.69 25.79
C TRP B 280 21.25 15.12 25.79
N LYS B 281 20.42 16.10 25.41
CA LYS B 281 20.86 17.49 25.42
C LYS B 281 20.73 18.13 26.79
N MET B 282 19.74 17.71 27.59
CA MET B 282 19.65 18.19 28.97
C MET B 282 20.88 17.78 29.76
N SER B 283 21.37 16.56 29.54
CA SER B 283 22.48 15.99 30.30
C SER B 283 23.84 16.46 29.81
N GLY B 284 23.87 17.49 28.96
CA GLY B 284 25.12 17.98 28.40
C GLY B 284 25.84 16.95 27.54
N GLY B 285 25.12 16.41 26.55
CA GLY B 285 25.70 15.48 25.60
C GLY B 285 26.04 14.12 26.14
N LYS B 286 25.85 13.87 27.43
CA LYS B 286 26.21 12.60 28.03
C LYS B 286 25.03 11.63 27.94
N GLU B 287 25.31 10.40 27.51
CA GLU B 287 24.29 9.37 27.43
C GLU B 287 23.90 8.91 28.83
N THR B 288 22.61 8.95 29.12
CA THR B 288 22.07 8.49 30.39
C THR B 288 21.29 7.20 30.19
N THR B 289 20.99 6.55 31.31
CA THR B 289 20.18 5.33 31.30
C THR B 289 19.12 5.32 32.38
N ASP B 290 18.98 6.38 33.18
CA ASP B 290 18.07 6.41 34.30
C ASP B 290 17.03 7.52 34.20
N ILE B 291 17.03 8.31 33.13
CA ILE B 291 16.06 9.37 32.92
C ILE B 291 15.16 8.99 31.76
N HIS B 292 13.84 9.07 31.96
CA HIS B 292 12.87 8.73 30.94
C HIS B 292 11.73 9.73 30.99
N VAL B 293 10.99 9.82 29.88
CA VAL B 293 9.88 10.75 29.72
C VAL B 293 8.58 9.96 29.77
N TRP B 294 7.59 10.50 30.46
CA TRP B 294 6.24 9.94 30.51
C TRP B 294 5.26 10.99 30.02
N PRO B 295 4.62 10.81 28.85
CA PRO B 295 3.87 11.91 28.24
C PRO B 295 2.50 12.10 28.85
N LEU B 296 2.13 13.36 29.07
CA LEU B 296 0.82 13.72 29.59
C LEU B 296 -0.06 14.33 28.51
N ALA B 297 0.38 15.43 27.90
CA ALA B 297 -0.40 16.11 26.87
C ALA B 297 0.53 17.00 26.07
N LEU B 298 0.01 17.51 24.95
CA LEU B 298 0.73 18.45 24.10
C LEU B 298 -0.02 19.78 24.10
N ALA B 299 0.63 20.82 24.59
CA ALA B 299 0.06 22.17 24.62
C ALA B 299 0.81 23.02 23.59
N TYR B 300 0.18 23.22 22.44
CA TYR B 300 0.74 24.01 21.35
C TYR B 300 2.12 23.50 20.94
N ASP B 301 3.18 23.97 21.59
CA ASP B 301 4.54 23.59 21.22
C ASP B 301 5.29 22.93 22.37
N THR B 302 4.63 22.63 23.48
CA THR B 302 5.29 22.12 24.67
C THR B 302 4.64 20.81 25.11
N LEU B 303 5.46 19.80 25.38
CA LEU B 303 4.97 18.51 25.84
C LEU B 303 4.96 18.48 27.37
N ASN B 304 3.76 18.51 27.95
N ASN B 304 3.76 18.51 27.95
CA ASN B 304 3.62 18.27 29.38
CA ASN B 304 3.64 18.30 29.39
C ASN B 304 3.94 16.81 29.68
C ASN B 304 3.92 16.83 29.71
N CYS B 305 4.83 16.59 30.64
CA CYS B 305 5.29 15.23 30.90
C CYS B 305 5.74 15.08 32.35
N ILE B 306 6.06 13.84 32.70
CA ILE B 306 6.67 13.48 33.97
C ILE B 306 8.06 12.97 33.70
N LEU B 307 9.06 13.57 34.35
CA LEU B 307 10.44 13.13 34.21
C LEU B 307 10.70 12.03 35.24
N VAL B 308 10.80 10.80 34.78
CA VAL B 308 10.96 9.64 35.66
C VAL B 308 12.44 9.36 35.84
N LYS B 309 12.91 9.50 37.08
CA LYS B 309 14.28 9.18 37.45
C LYS B 309 14.25 7.89 38.27
N GLY B 310 14.92 6.86 37.78
CA GLY B 310 14.90 5.57 38.45
C GLY B 310 15.20 4.45 37.47
N LYS B 311 15.11 3.23 37.99
CA LYS B 311 15.43 2.05 37.19
C LYS B 311 14.32 1.72 36.20
N HIS B 312 13.06 1.97 36.54
CA HIS B 312 11.96 1.67 35.65
C HIS B 312 11.61 2.89 34.80
N ILE B 313 11.00 2.64 33.64
CA ILE B 313 10.70 3.71 32.68
C ILE B 313 9.37 4.38 32.95
N TRP B 314 8.58 3.87 33.87
CA TRP B 314 7.29 4.46 34.21
C TRP B 314 7.35 5.10 35.58
N PRO B 315 6.56 6.15 35.82
CA PRO B 315 6.61 6.81 37.12
C PRO B 315 6.09 5.90 38.23
N GLU B 316 6.60 6.14 39.44
CA GLU B 316 6.16 5.39 40.60
C GLU B 316 5.58 6.36 41.64
N PHE B 317 5.53 5.94 42.89
CA PHE B 317 4.99 6.78 43.95
C PHE B 317 6.10 7.21 44.90
N PRO B 318 6.13 8.50 45.28
CA PRO B 318 5.18 9.54 44.85
C PRO B 318 5.46 10.08 43.45
N LEU B 319 4.47 10.76 42.89
CA LEU B 319 4.60 11.31 41.55
C LEU B 319 5.34 12.64 41.59
N PRO B 320 6.36 12.84 40.76
CA PRO B 320 7.03 14.15 40.70
C PRO B 320 6.11 15.20 40.12
N LEU B 321 6.54 16.46 40.24
CA LEU B 321 5.80 17.54 39.63
C LEU B 321 5.98 17.52 38.12
N PRO B 322 4.94 17.83 37.35
CA PRO B 322 5.07 17.75 35.88
C PRO B 322 6.14 18.70 35.36
N SER B 323 6.89 18.23 34.37
CA SER B 323 7.87 19.03 33.66
C SER B 323 7.32 19.44 32.30
N GLU B 324 8.07 20.30 31.62
CA GLU B 324 7.72 20.76 30.28
C GLU B 324 8.88 20.54 29.34
N MET B 325 8.60 20.00 28.16
CA MET B 325 9.61 19.74 27.13
C MET B 325 9.12 20.33 25.82
N GLU B 326 9.81 21.36 25.33
CA GLU B 326 9.44 21.96 24.05
C GLU B 326 9.75 21.00 22.91
N ILE B 327 8.81 20.90 21.96
CA ILE B 327 9.00 20.01 20.82
C ILE B 327 10.14 20.53 19.95
N ARG B 328 10.91 19.60 19.38
CA ARG B 328 12.04 19.94 18.52
C ARG B 328 12.06 18.97 17.35
N MET B 329 12.14 19.52 16.14
CA MET B 329 12.20 18.69 14.95
C MET B 329 13.45 17.83 14.98
N PRO B 330 13.35 16.52 14.74
CA PRO B 330 14.53 15.65 14.78
C PRO B 330 15.46 15.89 13.62
N VAL B 331 16.23 16.98 13.68
CA VAL B 331 17.22 17.32 12.66
C VAL B 331 18.60 17.49 13.24
N PHE B 332 18.76 17.38 14.55
CA PHE B 332 20.05 17.52 15.20
C PHE B 332 20.79 16.19 15.21
N VAL B 333 22.08 16.24 14.89
CA VAL B 333 22.97 15.09 14.92
C VAL B 333 23.83 15.17 16.17
N LYS B 334 24.03 14.03 16.83
CA LYS B 334 24.85 14.02 18.03
C LYS B 334 26.29 14.42 17.72
N SER B 335 26.86 13.86 16.65
CA SER B 335 28.23 14.20 16.26
C SER B 335 28.38 15.70 16.04
N LYS B 336 27.50 16.30 15.23
CA LYS B 336 27.62 17.72 14.93
C LYS B 336 27.32 18.60 16.14
N LEU B 337 26.56 18.10 17.12
CA LEU B 337 26.30 18.89 18.31
C LEU B 337 27.50 18.89 19.26
N LEU B 338 28.24 17.79 19.31
CA LEU B 338 29.43 17.73 20.15
C LEU B 338 30.53 18.66 19.64
N GLU B 339 30.72 18.71 18.31
CA GLU B 339 31.77 19.53 17.74
C GLU B 339 31.53 21.02 17.98
N GLU B 340 30.29 21.48 17.79
CA GLU B 340 29.99 22.89 17.97
C GLU B 340 30.10 23.31 19.43
N ASN B 341 29.95 22.38 20.37
CA ASN B 341 30.16 22.69 21.78
C ASN B 341 31.64 22.83 22.09
N LYS B 342 32.47 21.98 21.49
CA LYS B 342 33.92 22.04 21.70
C LYS B 342 34.51 23.28 21.06
N GLU B 365 24.48 22.23 30.08
CA GLU B 365 23.46 22.05 29.06
C GLU B 365 24.01 22.38 27.67
N ILE B 366 23.72 21.50 26.71
CA ILE B 366 24.28 21.61 25.36
C ILE B 366 23.93 22.96 24.76
N GLN B 367 24.94 23.61 24.17
CA GLN B 367 24.74 24.86 23.43
C GLN B 367 24.58 24.54 21.95
N ILE B 368 23.58 25.15 21.33
CA ILE B 368 23.24 24.90 19.93
C ILE B 368 23.75 26.08 19.09
N PRO B 369 24.53 25.82 18.04
CA PRO B 369 24.97 26.92 17.16
C PRO B 369 23.78 27.60 16.49
N VAL B 370 23.83 28.94 16.45
CA VAL B 370 22.72 29.73 15.94
C VAL B 370 22.38 29.34 14.51
N SER B 371 23.39 29.06 13.69
CA SER B 371 23.14 28.68 12.30
C SER B 371 22.41 27.35 12.20
N MET B 372 22.72 26.42 13.11
CA MET B 372 22.08 25.11 13.09
C MET B 372 20.70 25.16 13.74
N ALA B 373 20.56 25.95 14.80
CA ALA B 373 19.26 26.12 15.46
C ALA B 373 18.25 26.84 14.57
N ALA B 374 18.72 27.59 13.58
CA ALA B 374 17.80 28.29 12.69
C ALA B 374 17.06 27.33 11.78
N GLU B 375 17.72 26.25 11.36
CA GLU B 375 17.06 25.26 10.51
C GLU B 375 15.93 24.57 11.27
N GLU B 376 16.20 24.13 12.49
CA GLU B 376 15.16 23.48 13.29
C GLU B 376 14.03 24.45 13.62
N GLU B 377 14.37 25.70 13.93
CA GLU B 377 13.34 26.68 14.27
C GLU B 377 12.50 27.02 13.05
N TYR B 378 13.10 27.05 11.87
CA TYR B 378 12.34 27.24 10.63
C TYR B 378 11.37 26.09 10.43
N LEU B 379 11.89 24.85 10.47
CA LEU B 379 11.05 23.68 10.25
C LEU B 379 9.91 23.62 11.26
N ARG B 380 10.22 23.80 12.55
CA ARG B 380 9.19 23.70 13.58
C ARG B 380 8.13 24.78 13.42
N SER B 381 8.55 26.01 13.14
CA SER B 381 7.58 27.07 12.90
C SER B 381 6.72 26.77 11.68
N LYS B 382 7.34 26.24 10.62
CA LYS B 382 6.59 25.87 9.42
C LYS B 382 5.50 24.85 9.75
N VAL B 383 5.84 23.80 10.49
CA VAL B 383 4.87 22.77 10.83
C VAL B 383 3.78 23.32 11.73
N LEU B 384 4.17 24.04 12.79
CA LEU B 384 3.18 24.59 13.71
C LEU B 384 2.26 25.57 13.00
N SER B 385 2.82 26.45 12.16
CA SER B 385 2.00 27.41 11.44
C SER B 385 1.04 26.70 10.48
N GLU B 386 1.52 25.67 9.78
CA GLU B 386 0.66 24.91 8.89
C GLU B 386 -0.46 24.22 9.67
N LEU B 387 -0.16 23.73 10.87
CA LEU B 387 -1.16 23.04 11.67
C LEU B 387 -2.20 24.01 12.22
N LEU B 388 -1.75 25.16 12.72
CA LEU B 388 -2.66 26.10 13.35
C LEU B 388 -3.54 26.78 12.32
N THR B 389 -3.00 27.05 11.12
CA THR B 389 -3.79 27.65 10.06
C THR B 389 -4.94 26.71 9.66
N ASP B 390 -4.66 25.42 9.52
CA ASP B 390 -5.72 24.45 9.24
C ASP B 390 -6.78 24.47 10.33
N THR B 391 -6.35 24.57 11.60
CA THR B 391 -7.29 24.60 12.72
C THR B 391 -8.22 25.80 12.62
N LEU B 392 -7.65 27.00 12.48
CA LEU B 392 -8.45 28.22 12.47
C LEU B 392 -9.38 28.28 11.25
N GLU B 393 -8.92 27.78 10.11
CA GLU B 393 -9.72 27.87 8.88
C GLU B 393 -10.91 26.92 8.90
N ASN B 394 -10.92 25.93 9.79
CA ASN B 394 -11.97 24.92 9.80
C ASN B 394 -12.80 24.93 11.08
N ASP B 395 -12.17 25.19 12.22
CA ASP B 395 -12.86 25.18 13.49
C ASP B 395 -12.91 26.55 14.16
N GLY B 396 -12.11 27.51 13.69
CA GLY B 396 -12.07 28.82 14.32
C GLY B 396 -11.20 28.79 15.56
N GLU B 397 -11.38 29.78 16.40
CA GLU B 397 -10.65 29.79 17.66
C GLU B 397 -11.41 28.97 18.70
N MET B 398 -10.68 28.57 19.75
CA MET B 398 -11.26 27.73 20.79
C MET B 398 -10.91 28.32 22.15
N TYR B 399 -9.82 29.07 22.22
CA TYR B 399 -9.35 29.66 23.46
C TYR B 399 -9.40 31.18 23.46
N GLY B 400 -9.38 31.81 22.28
CA GLY B 400 -9.52 33.25 22.16
C GLY B 400 -8.27 33.99 21.75
N ASN B 401 -7.10 33.35 21.79
CA ASN B 401 -5.84 34.01 21.46
C ASN B 401 -5.10 33.33 20.32
N GLU B 402 -5.76 32.45 19.56
CA GLU B 402 -5.05 31.67 18.54
C GLU B 402 -4.54 32.56 17.41
N ASN B 403 -5.33 33.54 16.97
CA ASN B 403 -4.90 34.39 15.88
C ASN B 403 -3.62 35.14 16.23
N GLU B 404 -3.49 35.54 17.49
CA GLU B 404 -2.24 36.16 17.93
C GLU B 404 -1.09 35.16 17.94
N VAL B 405 -1.38 33.92 18.36
CA VAL B 405 -0.36 32.88 18.35
C VAL B 405 0.14 32.62 16.94
N LEU B 406 -0.80 32.46 16.00
CA LEU B 406 -0.43 32.23 14.61
C LEU B 406 0.36 33.41 14.05
N ALA B 407 -0.04 34.64 14.40
CA ALA B 407 0.68 35.82 13.92
C ALA B 407 2.12 35.81 14.41
N ALA B 408 2.33 35.64 15.71
CA ALA B 408 3.69 35.56 16.24
C ALA B 408 4.40 34.34 15.72
N LEU B 409 3.67 33.26 15.43
CA LEU B 409 4.27 32.06 14.86
C LEU B 409 4.80 32.32 13.47
N ASN B 410 3.96 32.85 12.58
CA ASN B 410 4.42 33.22 11.24
C ASN B 410 5.56 34.22 11.29
N GLY B 411 5.52 35.15 12.26
CA GLY B 411 6.65 36.05 12.45
C GLY B 411 7.94 35.31 12.72
N ALA B 412 7.90 34.37 13.68
CA ALA B 412 9.09 33.58 13.97
C ALA B 412 9.50 32.72 12.79
N TYR B 413 8.54 32.30 11.97
CA TYR B 413 8.85 31.55 10.75
C TYR B 413 9.76 32.36 9.83
N ASP B 414 9.32 33.55 9.44
CA ASP B 414 10.14 34.41 8.58
C ASP B 414 11.47 34.76 9.24
N LYS B 415 11.43 35.11 10.53
CA LYS B 415 12.64 35.52 11.23
C LYS B 415 13.67 34.39 11.24
N ALA B 416 13.24 33.17 11.51
CA ALA B 416 14.15 32.03 11.42
C ALA B 416 14.58 31.79 9.98
N LEU B 417 13.65 31.95 9.03
CA LEU B 417 13.97 31.76 7.62
C LEU B 417 14.98 32.80 7.14
N LEU B 418 14.93 34.01 7.68
CA LEU B 418 15.85 35.05 7.25
C LEU B 418 17.28 34.78 7.72
N ARG B 419 17.44 34.14 8.88
CA ARG B 419 18.78 33.75 9.31
C ARG B 419 19.38 32.71 8.36
N LEU B 420 18.59 31.71 7.97
CA LEU B 420 19.06 30.78 6.95
C LEU B 420 19.42 31.51 5.66
N PHE B 421 18.62 32.52 5.31
CA PHE B 421 18.91 33.32 4.13
C PHE B 421 20.23 34.07 4.27
N ALA B 422 20.47 34.66 5.45
CA ALA B 422 21.73 35.38 5.67
C ALA B 422 22.94 34.46 5.54
N SER B 423 22.86 33.26 6.12
CA SER B 423 23.97 32.31 6.01
C SER B 423 24.24 31.93 4.55
N ALA B 424 23.20 31.86 3.73
CA ALA B 424 23.39 31.51 2.32
C ALA B 424 24.05 32.65 1.56
N CYS B 425 23.66 33.90 1.89
CA CYS B 425 24.32 35.06 1.29
C CYS B 425 25.76 35.16 1.76
N SER B 426 26.04 34.77 2.99
CA SER B 426 27.41 34.79 3.50
C SER B 426 28.34 33.94 2.63
N ASP B 427 27.92 32.72 2.29
CA ASP B 427 28.72 31.83 1.47
C ASP B 427 28.57 32.08 -0.02
N GLN B 428 28.01 33.22 -0.43
CA GLN B 428 27.82 33.59 -1.82
C GLN B 428 26.95 32.59 -2.58
N ASN B 429 26.09 31.85 -1.87
CA ASN B 429 25.24 30.84 -2.49
C ASN B 429 23.93 31.51 -2.92
N VAL B 430 24.00 32.21 -4.05
CA VAL B 430 22.86 32.98 -4.54
C VAL B 430 21.68 32.04 -4.83
N GLU B 431 21.96 30.84 -5.34
CA GLU B 431 20.89 29.91 -5.68
C GLU B 431 20.14 29.45 -4.44
N LYS B 432 20.88 28.97 -3.43
CA LYS B 432 20.23 28.51 -2.20
C LYS B 432 19.48 29.64 -1.51
N ALA B 433 20.03 30.85 -1.54
CA ALA B 433 19.37 31.99 -0.91
C ALA B 433 18.02 32.29 -1.57
N LEU B 434 17.99 32.30 -2.91
CA LEU B 434 16.75 32.62 -3.62
C LEU B 434 15.65 31.62 -3.29
N SER B 435 15.98 30.33 -3.24
CA SER B 435 14.98 29.33 -2.87
C SER B 435 14.47 29.57 -1.46
N LEU B 436 15.34 30.03 -0.56
CA LEU B 436 14.92 30.36 0.79
C LEU B 436 13.96 31.55 0.80
N ALA B 437 14.28 32.58 0.03
CA ALA B 437 13.41 33.76 -0.04
C ALA B 437 12.03 33.42 -0.56
N HIS B 438 11.92 32.42 -1.45
CA HIS B 438 10.62 32.03 -1.98
C HIS B 438 9.69 31.49 -0.90
N GLU B 439 10.25 30.92 0.16
CA GLU B 439 9.45 30.35 1.24
C GLU B 439 9.02 31.39 2.28
N LEU B 440 9.46 32.64 2.13
CA LEU B 440 9.06 33.70 3.05
C LEU B 440 7.56 33.99 2.93
N LYS B 441 6.95 34.37 4.05
CA LYS B 441 5.52 34.63 4.08
C LYS B 441 5.17 36.11 3.90
N GLN B 442 5.43 36.90 4.94
CA GLN B 442 5.07 38.31 4.92
C GLN B 442 5.86 39.05 3.86
N ASP B 443 5.20 40.02 3.20
CA ASP B 443 5.91 40.85 2.23
C ASP B 443 6.97 41.71 2.90
N ARG B 444 6.73 42.13 4.15
CA ARG B 444 7.73 42.90 4.89
C ARG B 444 8.98 42.08 5.19
N ALA B 445 8.88 40.75 5.13
CA ALA B 445 10.06 39.90 5.26
C ALA B 445 10.82 39.81 3.94
N LEU B 446 10.11 39.88 2.81
CA LEU B 446 10.78 40.00 1.52
C LEU B 446 11.64 41.25 1.47
N THR B 447 11.13 42.36 2.02
CA THR B 447 11.91 43.58 2.12
C THR B 447 13.17 43.35 2.95
N ALA B 448 13.03 42.70 4.11
CA ALA B 448 14.18 42.41 4.95
C ALA B 448 15.21 41.56 4.21
N ALA B 449 14.76 40.71 3.29
CA ALA B 449 15.70 39.93 2.48
C ALA B 449 16.42 40.82 1.47
N VAL B 450 15.69 41.74 0.84
CA VAL B 450 16.32 42.70 -0.06
C VAL B 450 17.40 43.49 0.66
N LYS B 451 17.12 43.94 1.88
CA LYS B 451 18.10 44.70 2.64
C LYS B 451 19.27 43.85 3.08
N ILE B 452 19.03 42.56 3.36
CA ILE B 452 20.14 41.67 3.68
C ILE B 452 20.99 41.39 2.44
N SER B 453 20.33 41.22 1.29
CA SER B 453 21.07 40.99 0.05
C SER B 453 21.90 42.20 -0.34
N GLU B 454 21.41 43.41 -0.06
CA GLU B 454 22.18 44.61 -0.36
C GLU B 454 23.44 44.66 0.50
N ARG B 455 23.32 44.37 1.79
CA ARG B 455 24.48 44.35 2.67
C ARG B 455 25.47 43.25 2.30
N ALA B 456 25.05 42.27 1.51
CA ALA B 456 25.94 41.23 1.01
C ALA B 456 26.48 41.56 -0.37
N GLU B 457 26.05 42.68 -0.96
CA GLU B 457 26.49 43.11 -2.28
C GLU B 457 26.21 42.05 -3.34
N LEU B 458 24.94 41.64 -3.40
CA LEU B 458 24.44 40.70 -4.42
C LEU B 458 23.28 41.37 -5.15
N PRO B 459 23.58 42.32 -6.04
CA PRO B 459 22.49 43.06 -6.70
C PRO B 459 21.65 42.20 -7.65
N SER B 460 22.21 41.12 -8.20
CA SER B 460 21.41 40.21 -9.01
C SER B 460 20.32 39.56 -8.18
N LEU B 461 20.67 39.13 -6.96
CA LEU B 461 19.68 38.54 -6.06
C LEU B 461 18.60 39.55 -5.69
N VAL B 462 19.01 40.78 -5.36
CA VAL B 462 18.06 41.82 -4.99
C VAL B 462 16.98 41.97 -6.05
N LYS B 463 17.39 42.00 -7.32
CA LYS B 463 16.43 42.12 -8.41
C LYS B 463 15.51 40.91 -8.47
N LYS B 464 16.06 39.72 -8.21
CA LYS B 464 15.25 38.51 -8.25
C LYS B 464 14.28 38.43 -7.07
N ILE B 465 14.66 38.99 -5.92
CA ILE B 465 13.75 39.00 -4.78
C ILE B 465 12.61 39.98 -5.01
N ASN B 466 12.91 41.12 -5.63
CA ASN B 466 11.86 42.07 -5.97
C ASN B 466 10.91 41.53 -7.02
N ASN B 467 11.36 40.57 -7.83
CA ASN B 467 10.45 39.89 -8.76
C ASN B 467 9.42 39.06 -8.00
N ILE B 468 9.83 38.44 -6.89
CA ILE B 468 8.87 37.71 -6.06
C ILE B 468 7.77 38.64 -5.58
N ARG B 469 8.15 39.84 -5.11
CA ARG B 469 7.16 40.81 -4.68
C ARG B 469 6.21 41.17 -5.81
N GLU B 470 6.75 41.37 -7.02
CA GLU B 470 5.91 41.67 -8.17
C GLU B 470 5.00 40.50 -8.52
N ALA B 471 5.54 39.28 -8.49
CA ALA B 471 4.73 38.10 -8.82
C ALA B 471 3.61 37.90 -7.82
N ARG B 472 3.87 38.19 -6.53
CA ARG B 472 2.83 38.05 -5.54
C ARG B 472 1.80 39.17 -5.64
N TYR B 473 2.23 40.38 -6.01
CA TYR B 473 1.28 41.44 -6.29
C TYR B 473 0.41 41.11 -7.50
N GLU B 474 0.97 40.41 -8.48
CA GLU B 474 0.22 40.07 -9.68
C GLU B 474 -0.80 38.98 -9.40
N GLN B 475 -0.45 37.99 -8.58
CA GLN B 475 -1.37 36.92 -8.23
C GLN B 475 -2.44 37.36 -7.23
N GLN B 476 -2.19 38.43 -6.47
CA GLN B 476 -3.21 38.94 -5.57
C GLN B 476 -4.33 39.65 -6.33
N LEU B 477 -4.10 40.03 -7.58
CA LEU B 477 -5.11 40.69 -8.39
C LEU B 477 -5.80 39.77 -9.40
N LYS B 478 -5.10 38.72 -9.85
CA LYS B 478 -5.70 37.76 -10.79
C LYS B 478 -6.61 36.77 -10.09
N PHE C 25 4.03 -23.71 0.90
CA PHE C 25 2.63 -24.05 0.68
C PHE C 25 2.38 -24.52 -0.75
N ARG C 26 1.53 -25.53 -0.90
CA ARG C 26 1.23 -26.14 -2.18
C ARG C 26 -0.05 -25.52 -2.75
N TYR C 27 0.06 -24.93 -3.94
CA TYR C 27 -1.09 -24.34 -4.61
C TYR C 27 -1.83 -25.43 -5.38
N MET C 28 -3.04 -25.77 -4.93
CA MET C 28 -3.80 -26.85 -5.54
C MET C 28 -4.86 -26.31 -6.51
N PRO C 29 -5.02 -26.97 -7.65
CA PRO C 29 -6.05 -26.54 -8.61
C PRO C 29 -7.45 -26.60 -8.01
N PHE C 30 -8.14 -25.47 -8.05
CA PHE C 30 -9.41 -25.30 -7.36
C PHE C 30 -10.55 -25.05 -8.36
N SER C 31 -11.70 -25.63 -8.06
CA SER C 31 -12.93 -25.38 -8.79
C SER C 31 -14.08 -25.39 -7.80
N PRO C 32 -15.14 -24.62 -8.06
CA PRO C 32 -16.24 -24.54 -7.09
C PRO C 32 -16.92 -25.90 -6.91
N ALA C 33 -17.06 -26.30 -5.64
CA ALA C 33 -17.73 -27.54 -5.26
C ALA C 33 -17.11 -28.76 -5.92
N GLY C 34 -15.81 -28.71 -6.17
CA GLY C 34 -15.12 -29.86 -6.75
C GLY C 34 -14.79 -30.91 -5.70
N THR C 35 -14.75 -32.16 -6.15
CA THR C 35 -14.46 -33.30 -5.30
C THR C 35 -13.18 -33.98 -5.74
N PRO C 36 -12.48 -34.66 -4.84
CA PRO C 36 -11.25 -35.39 -5.24
C PRO C 36 -11.54 -36.77 -5.78
N PHE C 37 -10.55 -37.32 -6.47
CA PHE C 37 -10.63 -38.70 -6.93
C PHE C 37 -10.79 -39.66 -5.76
N GLY C 38 -10.06 -39.41 -4.67
CA GLY C 38 -10.07 -40.35 -3.57
C GLY C 38 -9.48 -41.68 -4.01
N PHE C 39 -10.20 -42.76 -3.70
CA PHE C 39 -9.80 -44.09 -4.14
C PHE C 39 -10.52 -44.53 -5.41
N THR C 40 -11.56 -43.81 -5.83
CA THR C 40 -12.23 -44.11 -7.08
C THR C 40 -11.41 -43.57 -8.25
N ASP C 41 -11.88 -43.82 -9.46
CA ASP C 41 -11.26 -43.30 -10.67
C ASP C 41 -12.08 -42.19 -11.32
N ARG C 42 -12.96 -41.56 -10.54
CA ARG C 42 -13.80 -40.49 -11.05
C ARG C 42 -14.05 -39.47 -9.95
N ARG C 43 -14.33 -38.24 -10.35
CA ARG C 43 -14.60 -37.16 -9.41
C ARG C 43 -15.44 -36.11 -10.12
N TYR C 44 -15.73 -35.02 -9.41
CA TYR C 44 -16.44 -33.89 -9.97
C TYR C 44 -15.47 -32.73 -10.15
N LEU C 45 -15.39 -32.21 -11.36
CA LEU C 45 -14.57 -31.04 -11.61
C LEU C 45 -15.17 -29.82 -10.91
N THR C 46 -16.35 -29.39 -11.35
CA THR C 46 -17.08 -28.31 -10.70
C THR C 46 -18.54 -28.73 -10.55
N MET C 47 -19.32 -27.82 -9.94
CA MET C 47 -20.68 -28.14 -9.55
C MET C 47 -21.37 -26.90 -8.98
N ASN C 48 -22.51 -26.52 -9.53
CA ASN C 48 -23.26 -25.38 -8.99
C ASN C 48 -24.73 -25.53 -9.37
N GLU C 49 -25.47 -24.43 -9.30
CA GLU C 49 -26.90 -24.48 -9.55
C GLU C 49 -27.24 -24.85 -10.99
N VAL C 50 -26.30 -24.70 -11.91
CA VAL C 50 -26.55 -25.06 -13.31
C VAL C 50 -26.46 -26.57 -13.50
N GLY C 51 -25.41 -27.18 -12.97
CA GLY C 51 -25.23 -28.61 -13.13
C GLY C 51 -23.93 -29.07 -12.51
N TYR C 52 -23.48 -30.23 -12.94
CA TYR C 52 -22.29 -30.86 -12.39
C TYR C 52 -21.45 -31.41 -13.53
N VAL C 53 -20.13 -31.37 -13.33
CA VAL C 53 -19.16 -31.78 -14.34
C VAL C 53 -18.25 -32.83 -13.72
N SER C 54 -18.28 -34.04 -14.28
CA SER C 54 -17.49 -35.15 -13.77
C SER C 54 -16.41 -35.54 -14.79
N THR C 55 -15.38 -36.22 -14.30
CA THR C 55 -14.30 -36.72 -15.13
C THR C 55 -13.95 -38.13 -14.65
N VAL C 56 -13.60 -39.01 -15.58
CA VAL C 56 -13.38 -40.42 -15.29
C VAL C 56 -12.05 -40.84 -15.89
N LYS C 57 -11.19 -41.46 -15.07
CA LYS C 57 -9.96 -42.07 -15.56
C LYS C 57 -10.31 -43.35 -16.31
N ASN C 58 -10.09 -43.36 -17.63
CA ASN C 58 -10.28 -44.60 -18.39
C ASN C 58 -8.93 -45.23 -18.68
N SER C 59 -8.83 -45.95 -19.80
CA SER C 59 -7.60 -46.66 -20.12
C SER C 59 -6.42 -45.72 -20.22
N GLU C 60 -6.53 -44.68 -21.04
CA GLU C 60 -5.37 -43.82 -21.28
C GLU C 60 -5.66 -42.34 -21.08
N GLN C 61 -6.84 -41.86 -21.47
CA GLN C 61 -7.20 -40.45 -21.39
C GLN C 61 -8.19 -40.24 -20.24
N TYR C 62 -9.07 -39.24 -20.39
CA TYR C 62 -10.11 -38.92 -19.42
C TYR C 62 -11.43 -38.76 -20.15
N SER C 63 -12.52 -38.87 -19.41
CA SER C 63 -13.87 -38.74 -19.97
C SER C 63 -14.65 -37.73 -19.15
N ILE C 64 -14.90 -36.55 -19.74
CA ILE C 64 -15.57 -35.46 -19.05
C ILE C 64 -17.03 -35.45 -19.45
N THR C 65 -17.91 -35.37 -18.44
CA THR C 65 -19.36 -35.34 -18.66
C THR C 65 -19.93 -34.06 -18.06
N VAL C 66 -20.70 -33.32 -18.86
CA VAL C 66 -21.35 -32.09 -18.44
C VAL C 66 -22.84 -32.37 -18.35
N SER C 67 -23.37 -32.35 -17.13
CA SER C 67 -24.77 -32.63 -16.87
C SER C 67 -25.45 -31.41 -16.27
N PHE C 68 -26.77 -31.37 -16.39
CA PHE C 68 -27.56 -30.24 -15.92
C PHE C 68 -28.70 -30.74 -15.04
N PHE C 69 -29.20 -29.82 -14.21
CA PHE C 69 -30.35 -30.11 -13.36
C PHE C 69 -31.67 -29.83 -14.08
N ASP C 70 -31.76 -28.68 -14.77
CA ASP C 70 -32.88 -28.42 -15.66
C ASP C 70 -32.58 -29.11 -16.99
N VAL C 71 -32.87 -30.42 -17.03
CA VAL C 71 -32.56 -31.21 -18.21
C VAL C 71 -33.38 -30.78 -19.41
N GLY C 72 -34.51 -30.11 -19.19
CA GLY C 72 -35.29 -29.58 -20.28
C GLY C 72 -34.76 -28.32 -20.90
N ARG C 73 -33.64 -27.80 -20.41
CA ARG C 73 -33.07 -26.55 -20.90
C ARG C 73 -31.79 -26.74 -21.70
N PHE C 74 -30.84 -27.55 -21.21
CA PHE C 74 -29.57 -27.76 -21.88
C PHE C 74 -29.38 -29.23 -22.22
N ARG C 75 -28.61 -29.47 -23.28
CA ARG C 75 -28.29 -30.83 -23.71
C ARG C 75 -27.07 -31.32 -22.95
N GLU C 76 -27.23 -32.41 -22.20
CA GLU C 76 -26.10 -33.06 -21.57
C GLU C 76 -25.18 -33.66 -22.64
N TYR C 77 -23.88 -33.60 -22.40
CA TYR C 77 -22.92 -34.13 -23.36
C TYR C 77 -21.68 -34.61 -22.64
N HIS C 78 -20.83 -35.31 -23.38
CA HIS C 78 -19.57 -35.84 -22.86
C HIS C 78 -18.54 -35.83 -23.99
N PHE C 79 -17.27 -35.79 -23.61
CA PHE C 79 -16.20 -35.82 -24.59
C PHE C 79 -14.97 -36.48 -23.99
N GLU C 80 -14.01 -36.81 -24.87
CA GLU C 80 -12.75 -37.41 -24.46
C GLU C 80 -11.75 -36.31 -24.17
N ASP C 81 -11.22 -36.30 -22.95
CA ASP C 81 -10.25 -35.30 -22.52
C ASP C 81 -8.85 -35.86 -22.73
N LEU C 82 -8.20 -35.45 -23.82
CA LEU C 82 -6.85 -35.89 -24.13
C LEU C 82 -5.79 -35.15 -23.32
N PHE C 83 -6.16 -34.09 -22.61
CA PHE C 83 -5.19 -33.27 -21.90
C PHE C 83 -5.21 -33.46 -20.39
N GLY C 84 -6.31 -33.89 -19.81
CA GLY C 84 -6.39 -34.10 -18.38
C GLY C 84 -6.77 -32.86 -17.61
N TYR C 85 -7.86 -32.21 -18.02
CA TYR C 85 -8.31 -30.99 -17.36
C TYR C 85 -8.64 -31.28 -15.89
N ASP C 86 -8.06 -30.47 -15.00
CA ASP C 86 -8.35 -30.54 -13.58
C ASP C 86 -8.96 -29.25 -13.05
N LEU C 87 -9.41 -28.37 -13.94
CA LEU C 87 -10.03 -27.10 -13.58
C LEU C 87 -11.28 -26.90 -14.41
N CYS C 88 -12.34 -26.42 -13.78
CA CYS C 88 -13.59 -26.22 -14.49
C CYS C 88 -14.39 -25.11 -13.83
N PHE C 89 -15.25 -24.48 -14.64
CA PHE C 89 -16.22 -23.52 -14.15
C PHE C 89 -17.43 -23.58 -15.06
N LEU C 90 -18.62 -23.51 -14.48
CA LEU C 90 -19.86 -23.71 -15.19
C LEU C 90 -20.78 -22.51 -14.99
N ASN C 91 -21.24 -21.93 -16.09
CA ASN C 91 -22.23 -20.85 -16.04
C ASN C 91 -23.45 -21.27 -16.86
N GLU C 92 -24.36 -20.32 -17.07
CA GLU C 92 -25.61 -20.63 -17.76
C GLU C 92 -25.47 -20.61 -19.28
N LYS C 93 -24.27 -20.33 -19.81
CA LYS C 93 -24.06 -20.25 -21.25
C LYS C 93 -22.96 -21.16 -21.78
N GLY C 94 -22.02 -21.58 -20.94
CA GLY C 94 -20.96 -22.45 -21.41
C GLY C 94 -20.18 -23.02 -20.24
N THR C 95 -19.18 -23.83 -20.57
CA THR C 95 -18.34 -24.49 -19.58
C THR C 95 -16.88 -24.21 -19.90
N LEU C 96 -16.16 -23.72 -18.91
CA LEU C 96 -14.74 -23.42 -19.05
C LEU C 96 -13.92 -24.52 -18.41
N PHE C 97 -12.98 -25.08 -19.17
CA PHE C 97 -12.11 -26.14 -18.70
C PHE C 97 -10.67 -25.65 -18.65
N GLY C 98 -9.92 -26.16 -17.68
CA GLY C 98 -8.53 -25.75 -17.51
C GLY C 98 -7.60 -26.85 -17.06
N GLN C 99 -6.39 -26.85 -17.59
CA GLN C 99 -5.34 -27.78 -17.21
C GLN C 99 -4.26 -27.01 -16.45
N SER C 100 -4.00 -27.41 -15.20
CA SER C 100 -3.23 -26.56 -14.29
C SER C 100 -1.75 -26.54 -14.64
N LYS C 101 -1.22 -27.59 -15.26
CA LYS C 101 0.21 -27.67 -15.52
C LYS C 101 0.60 -27.25 -16.93
N THR C 102 -0.13 -27.70 -17.96
CA THR C 102 0.20 -27.29 -19.31
C THR C 102 -0.30 -25.89 -19.65
N GLY C 103 -1.12 -25.29 -18.78
CA GLY C 103 -1.66 -23.98 -19.06
C GLY C 103 -2.63 -23.94 -20.21
N GLN C 104 -3.34 -25.04 -20.46
CA GLN C 104 -4.30 -25.11 -21.55
C GLN C 104 -5.71 -24.93 -21.02
N ILE C 105 -6.49 -24.10 -21.69
CA ILE C 105 -7.89 -23.88 -21.33
C ILE C 105 -8.75 -24.19 -22.55
N GLN C 106 -10.04 -24.41 -22.30
CA GLN C 106 -11.01 -24.61 -23.36
C GLN C 106 -12.37 -24.16 -22.89
N TYR C 107 -13.08 -23.42 -23.74
CA TYR C 107 -14.43 -22.94 -23.43
C TYR C 107 -15.39 -23.58 -24.42
N ARG C 108 -16.39 -24.28 -23.89
CA ARG C 108 -17.41 -24.94 -24.71
C ARG C 108 -18.77 -24.30 -24.43
N PRO C 109 -19.31 -23.51 -25.36
CA PRO C 109 -20.66 -22.99 -25.17
C PRO C 109 -21.69 -24.10 -25.17
N HIS C 110 -22.73 -23.93 -24.35
CA HIS C 110 -23.80 -24.93 -24.29
C HIS C 110 -24.50 -25.06 -25.62
N ASP C 111 -24.75 -23.94 -26.30
CA ASP C 111 -25.43 -23.96 -27.58
C ASP C 111 -24.45 -24.32 -28.69
N SER C 112 -24.88 -25.21 -29.59
CA SER C 112 -24.04 -25.63 -30.71
C SER C 112 -23.78 -24.51 -31.70
N ILE C 113 -24.55 -23.40 -31.62
CA ILE C 113 -24.36 -22.29 -32.56
C ILE C 113 -22.96 -21.72 -32.44
N HIS C 114 -22.47 -21.54 -31.22
CA HIS C 114 -21.17 -20.95 -30.98
C HIS C 114 -20.08 -22.02 -30.98
N SER C 115 -18.87 -21.60 -31.35
CA SER C 115 -17.75 -22.53 -31.51
C SER C 115 -17.05 -22.77 -30.18
N ASN C 116 -16.52 -23.98 -30.03
CA ASN C 116 -15.54 -24.24 -28.99
C ASN C 116 -14.22 -23.59 -29.37
N TRP C 117 -13.54 -23.02 -28.38
CA TRP C 117 -12.23 -22.45 -28.63
C TRP C 117 -11.24 -22.89 -27.56
N THR C 118 -9.98 -22.98 -27.96
CA THR C 118 -8.90 -23.45 -27.10
C THR C 118 -7.78 -22.42 -27.11
N LYS C 119 -7.12 -22.28 -25.96
CA LYS C 119 -6.00 -21.37 -25.81
C LYS C 119 -5.03 -21.96 -24.82
N ILE C 120 -3.76 -21.62 -24.96
CA ILE C 120 -2.72 -22.04 -24.02
C ILE C 120 -2.22 -20.81 -23.27
N ILE C 121 -2.24 -20.89 -21.94
CA ILE C 121 -1.82 -19.81 -21.07
C ILE C 121 -0.31 -19.92 -20.83
N PRO C 122 0.44 -18.84 -21.03
CA PRO C 122 1.87 -18.89 -20.71
C PRO C 122 2.08 -19.13 -19.22
N LEU C 123 3.01 -20.03 -18.91
CA LEU C 123 3.32 -20.37 -17.54
C LEU C 123 4.83 -20.41 -17.36
N GLN C 124 5.32 -19.69 -16.35
CA GLN C 124 6.74 -19.72 -16.01
C GLN C 124 7.06 -21.03 -15.29
N ALA C 125 8.29 -21.15 -14.80
CA ALA C 125 8.72 -22.37 -14.12
C ALA C 125 7.98 -22.50 -12.80
N GLY C 126 7.29 -23.62 -12.61
CA GLY C 126 6.54 -23.87 -11.40
C GLY C 126 5.25 -23.09 -11.27
N GLU C 127 4.86 -22.34 -12.29
CA GLU C 127 3.59 -21.61 -12.25
C GLU C 127 2.46 -22.54 -12.67
N ARG C 128 1.38 -22.54 -11.90
CA ARG C 128 0.22 -23.39 -12.16
C ARG C 128 -1.03 -22.53 -12.23
N ILE C 129 -1.91 -22.84 -13.18
CA ILE C 129 -3.25 -22.28 -13.12
C ILE C 129 -3.94 -22.82 -11.88
N THR C 130 -4.43 -21.92 -11.02
CA THR C 130 -5.03 -22.33 -9.77
C THR C 130 -6.54 -22.22 -9.74
N SER C 131 -7.14 -21.41 -10.61
CA SER C 131 -8.58 -21.26 -10.66
C SER C 131 -8.96 -20.59 -11.97
N VAL C 132 -10.09 -21.00 -12.54
CA VAL C 132 -10.66 -20.35 -13.71
C VAL C 132 -12.12 -20.03 -13.42
N ALA C 133 -12.64 -19.07 -14.18
CA ALA C 133 -14.02 -18.64 -14.04
C ALA C 133 -14.46 -18.02 -15.35
N ALA C 134 -15.77 -18.06 -15.60
CA ALA C 134 -16.30 -17.53 -16.84
C ALA C 134 -17.71 -16.99 -16.61
N THR C 135 -18.08 -16.01 -17.42
CA THR C 135 -19.42 -15.44 -17.48
C THR C 135 -19.85 -15.46 -18.94
N PRO C 136 -21.05 -14.99 -19.29
CA PRO C 136 -21.38 -14.86 -20.71
C PRO C 136 -20.46 -13.93 -21.49
N VAL C 137 -19.71 -13.06 -20.82
CA VAL C 137 -18.90 -12.06 -21.50
C VAL C 137 -17.45 -12.05 -21.05
N ARG C 138 -17.05 -12.87 -20.07
CA ARG C 138 -15.70 -12.82 -19.54
C ARG C 138 -15.19 -14.24 -19.25
N VAL C 139 -13.88 -14.42 -19.45
CA VAL C 139 -13.19 -15.65 -19.08
C VAL C 139 -11.94 -15.26 -18.29
N ILE C 140 -11.76 -15.87 -17.13
CA ILE C 140 -10.73 -15.48 -16.18
C ILE C 140 -9.81 -16.67 -15.91
N VAL C 141 -8.50 -16.39 -15.90
CA VAL C 141 -7.49 -17.38 -15.54
C VAL C 141 -6.59 -16.76 -14.47
N GLY C 142 -6.40 -17.48 -13.38
CA GLY C 142 -5.51 -17.04 -12.31
C GLY C 142 -4.46 -18.09 -12.04
N THR C 143 -3.27 -17.63 -11.67
CA THR C 143 -2.12 -18.51 -11.48
C THR C 143 -1.58 -18.41 -10.05
N SER C 144 -0.66 -19.32 -9.74
CA SER C 144 0.00 -19.34 -8.44
C SER C 144 1.01 -18.23 -8.27
N LEU C 145 1.37 -17.53 -9.34
CA LEU C 145 2.31 -16.42 -9.26
C LEU C 145 1.63 -15.07 -9.18
N GLY C 146 0.30 -15.04 -9.27
CA GLY C 146 -0.44 -13.81 -9.21
C GLY C 146 -0.86 -13.23 -10.55
N TYR C 147 -0.73 -13.99 -11.63
CA TYR C 147 -1.12 -13.52 -12.94
C TYR C 147 -2.64 -13.62 -13.10
N PHE C 148 -3.22 -12.57 -13.68
CA PHE C 148 -4.67 -12.44 -13.82
C PHE C 148 -4.94 -12.10 -15.29
N ARG C 149 -5.27 -13.12 -16.08
CA ARG C 149 -5.49 -12.97 -17.51
C ARG C 149 -6.98 -13.05 -17.80
N SER C 150 -7.53 -11.99 -18.40
CA SER C 150 -8.95 -11.92 -18.71
C SER C 150 -9.16 -11.95 -20.22
N PHE C 151 -10.27 -12.54 -20.63
CA PHE C 151 -10.65 -12.64 -22.03
C PHE C 151 -12.15 -12.43 -22.15
N ASN C 152 -12.63 -12.30 -23.38
CA ASN C 152 -14.06 -12.29 -23.62
C ASN C 152 -14.53 -13.73 -23.87
N GLN C 153 -15.81 -13.88 -24.20
CA GLN C 153 -16.34 -15.24 -24.38
C GLN C 153 -15.85 -15.92 -25.64
N PHE C 154 -14.93 -15.32 -26.40
CA PHE C 154 -14.41 -15.95 -27.61
C PHE C 154 -12.92 -16.21 -27.57
N GLY C 155 -12.23 -15.79 -26.51
CA GLY C 155 -10.80 -16.03 -26.39
C GLY C 155 -9.91 -14.86 -26.73
N VAL C 156 -10.45 -13.65 -26.81
CA VAL C 156 -9.67 -12.46 -27.12
C VAL C 156 -9.12 -11.90 -25.82
N PRO C 157 -7.80 -11.79 -25.67
CA PRO C 157 -7.24 -11.26 -24.42
C PRO C 157 -7.56 -9.78 -24.25
N PHE C 158 -7.89 -9.39 -23.02
CA PHE C 158 -8.21 -8.02 -22.68
C PHE C 158 -7.17 -7.33 -21.83
N ALA C 159 -6.64 -8.01 -20.81
CA ALA C 159 -5.57 -7.45 -20.00
C ALA C 159 -4.88 -8.56 -19.25
N VAL C 160 -3.59 -8.38 -19.01
CA VAL C 160 -2.80 -9.27 -18.15
C VAL C 160 -2.40 -8.47 -16.92
N GLU C 161 -2.90 -8.88 -15.77
CA GLU C 161 -2.67 -8.18 -14.51
C GLU C 161 -1.83 -9.05 -13.58
N LYS C 162 -1.03 -8.38 -12.74
CA LYS C 162 -0.18 -9.04 -11.77
C LYS C 162 -0.69 -8.68 -10.38
N THR C 163 -1.12 -9.68 -9.63
CA THR C 163 -1.64 -9.46 -8.28
C THR C 163 -0.90 -10.41 -7.33
N SER C 164 -1.43 -10.58 -6.13
CA SER C 164 -0.97 -11.61 -5.24
C SER C 164 -1.34 -12.98 -5.81
N PRO C 165 -0.67 -14.03 -5.37
CA PRO C 165 -1.01 -15.38 -5.85
C PRO C 165 -2.49 -15.69 -5.66
N ILE C 166 -3.12 -16.19 -6.72
CA ILE C 166 -4.55 -16.47 -6.72
C ILE C 166 -4.77 -17.94 -6.38
N VAL C 167 -5.72 -18.20 -5.49
CA VAL C 167 -6.09 -19.57 -5.16
C VAL C 167 -7.53 -19.90 -5.52
N ALA C 168 -8.42 -18.92 -5.65
CA ALA C 168 -9.82 -19.18 -5.96
C ALA C 168 -10.39 -18.01 -6.73
N LEU C 169 -11.15 -18.31 -7.78
CA LEU C 169 -11.76 -17.31 -8.64
C LEU C 169 -13.24 -17.64 -8.85
N THR C 170 -14.06 -16.59 -8.92
CA THR C 170 -15.44 -16.73 -9.35
C THR C 170 -15.87 -15.39 -9.93
N ALA C 171 -16.92 -15.43 -10.76
CA ALA C 171 -17.34 -14.24 -11.47
C ALA C 171 -18.83 -14.30 -11.76
N GLN C 172 -19.39 -13.14 -12.09
CA GLN C 172 -20.80 -13.00 -12.38
C GLN C 172 -20.99 -11.69 -13.14
N ASN C 173 -21.53 -11.77 -14.36
CA ASN C 173 -21.64 -10.61 -15.25
C ASN C 173 -20.26 -10.02 -15.51
N TYR C 174 -19.98 -8.86 -14.91
CA TYR C 174 -18.68 -8.22 -15.04
C TYR C 174 -17.92 -8.18 -13.71
N ARG C 175 -18.52 -8.63 -12.62
CA ARG C 175 -17.85 -8.66 -11.33
C ARG C 175 -16.95 -9.89 -11.22
N VAL C 176 -15.90 -9.75 -10.43
CA VAL C 176 -14.96 -10.84 -10.15
C VAL C 176 -14.65 -10.85 -8.66
N PHE C 177 -14.72 -12.03 -8.05
CA PHE C 177 -14.39 -12.22 -6.65
C PHE C 177 -13.24 -13.21 -6.56
N SER C 178 -12.07 -12.74 -6.15
CA SER C 178 -10.84 -13.52 -6.19
C SER C 178 -10.28 -13.67 -4.78
N VAL C 179 -9.89 -14.91 -4.44
CA VAL C 179 -9.27 -15.20 -3.16
C VAL C 179 -7.77 -15.37 -3.39
N HIS C 180 -6.97 -14.63 -2.63
CA HIS C 180 -5.53 -14.62 -2.78
C HIS C 180 -4.86 -15.13 -1.51
N TYR C 181 -3.62 -15.57 -1.65
CA TYR C 181 -2.82 -16.04 -0.52
C TYR C 181 -1.50 -15.29 -0.49
N SER C 182 -1.24 -14.62 0.63
CA SER C 182 0.05 -13.99 0.88
C SER C 182 0.86 -14.84 1.85
N GLN C 183 2.18 -14.82 1.66
CA GLN C 183 3.06 -15.51 2.60
C GLN C 183 2.89 -14.96 4.01
N PHE C 184 2.52 -13.68 4.13
CA PHE C 184 2.50 -13.00 5.41
C PHE C 184 1.13 -13.09 6.08
N HIS C 185 0.17 -12.30 5.62
CA HIS C 185 -1.13 -12.19 6.28
C HIS C 185 -2.10 -13.29 5.89
N GLY C 186 -1.70 -14.23 5.04
CA GLY C 186 -2.54 -15.36 4.72
C GLY C 186 -3.58 -15.10 3.64
N LEU C 187 -4.79 -15.61 3.84
CA LEU C 187 -5.83 -15.50 2.84
C LEU C 187 -6.43 -14.09 2.81
N SER C 188 -6.67 -13.60 1.60
CA SER C 188 -7.32 -12.31 1.38
C SER C 188 -8.23 -12.43 0.18
N TYR C 189 -9.10 -11.43 0.00
CA TYR C 189 -10.05 -11.43 -1.09
C TYR C 189 -10.05 -10.08 -1.78
N SER C 190 -10.30 -10.09 -3.08
CA SER C 190 -10.50 -8.87 -3.86
C SER C 190 -11.81 -8.98 -4.61
N LEU C 191 -12.43 -7.82 -4.84
CA LEU C 191 -13.70 -7.74 -5.54
C LEU C 191 -13.60 -6.61 -6.56
N SER C 192 -13.82 -6.94 -7.83
CA SER C 192 -13.58 -6.00 -8.92
C SER C 192 -14.61 -6.17 -10.02
N GLU C 193 -14.79 -5.10 -10.80
CA GLU C 193 -15.70 -5.09 -11.94
C GLU C 193 -14.89 -4.85 -13.21
N LEU C 194 -14.86 -5.85 -14.09
CA LEU C 194 -14.18 -5.74 -15.38
C LEU C 194 -15.07 -5.02 -16.40
N GLY C 195 -15.47 -3.80 -16.05
CA GLY C 195 -16.38 -3.03 -16.88
C GLY C 195 -15.79 -2.71 -18.24
N THR C 196 -16.64 -2.12 -19.09
CA THR C 196 -16.22 -1.73 -20.42
C THR C 196 -15.22 -0.59 -20.38
N SER C 197 -15.32 0.29 -19.39
CA SER C 197 -14.38 1.40 -19.22
C SER C 197 -13.03 0.87 -18.76
N SER C 198 -12.93 0.43 -17.51
CA SER C 198 -11.71 -0.14 -16.98
C SER C 198 -12.05 -0.94 -15.72
N LYS C 199 -11.13 -1.82 -15.35
CA LYS C 199 -11.30 -2.62 -14.14
C LYS C 199 -11.29 -1.72 -12.91
N ARG C 200 -12.23 -1.96 -11.98
CA ARG C 200 -12.38 -1.15 -10.78
C ARG C 200 -12.49 -2.04 -9.57
N TYR C 201 -11.66 -1.77 -8.55
CA TYR C 201 -11.63 -2.57 -7.34
C TYR C 201 -12.51 -1.94 -6.27
N TYR C 202 -13.47 -2.71 -5.77
CA TYR C 202 -14.22 -2.27 -4.60
C TYR C 202 -13.51 -2.66 -3.31
N LYS C 203 -12.96 -3.87 -3.26
CA LYS C 203 -12.11 -4.33 -2.18
C LYS C 203 -10.81 -4.84 -2.78
N ARG C 204 -9.69 -4.49 -2.16
CA ARG C 204 -8.36 -4.82 -2.68
C ARG C 204 -7.61 -5.62 -1.63
N GLU C 205 -7.60 -6.94 -1.80
CA GLU C 205 -6.86 -7.85 -0.92
C GLU C 205 -7.15 -7.57 0.56
N CYS C 206 -8.43 -7.50 0.88
CA CYS C 206 -8.89 -7.26 2.24
C CYS C 206 -8.94 -8.55 3.03
N PRO C 207 -9.03 -8.46 4.36
CA PRO C 207 -9.09 -9.68 5.18
C PRO C 207 -10.27 -10.57 4.81
N LEU C 208 -9.98 -11.82 4.53
CA LEU C 208 -10.99 -12.86 4.31
C LEU C 208 -11.28 -13.57 5.62
N PRO C 209 -12.44 -13.25 6.32
CA PRO C 209 -12.73 -13.82 7.66
C PRO C 209 -13.24 -15.25 7.59
N MET C 210 -12.41 -16.14 7.08
CA MET C 210 -12.78 -17.54 6.91
C MET C 210 -11.93 -18.41 7.84
N SER C 211 -12.54 -19.47 8.35
CA SER C 211 -11.88 -20.39 9.26
C SER C 211 -11.15 -21.47 8.45
N LEU C 212 -9.84 -21.57 8.65
CA LEU C 212 -9.04 -22.59 7.99
C LEU C 212 -9.28 -23.96 8.65
N PRO C 213 -9.07 -25.04 7.91
CA PRO C 213 -9.38 -26.38 8.44
C PRO C 213 -8.59 -26.70 9.72
N ASN C 214 -9.17 -27.57 10.53
CA ASN C 214 -8.57 -28.00 11.79
C ASN C 214 -7.50 -29.07 11.57
N ASP C 222 -7.68 -39.18 9.01
CA ASP C 222 -9.14 -39.19 8.92
C ASP C 222 -9.61 -39.99 7.71
N ALA C 223 -10.93 -40.08 7.54
CA ALA C 223 -11.48 -40.63 6.31
C ALA C 223 -11.59 -39.55 5.24
N ASN C 224 -11.97 -38.33 5.64
CA ASN C 224 -11.97 -37.16 4.77
C ASN C 224 -10.62 -36.46 4.74
N LEU C 225 -9.54 -37.25 4.72
CA LEU C 225 -8.20 -36.68 4.60
C LEU C 225 -7.77 -36.52 3.14
N ASP C 226 -8.33 -37.31 2.23
CA ASP C 226 -8.06 -37.12 0.81
C ASP C 226 -8.56 -35.76 0.34
N TYR C 227 -9.61 -35.23 0.96
CA TYR C 227 -10.17 -33.96 0.52
C TYR C 227 -9.24 -32.80 0.88
N TYR C 228 -8.81 -32.72 2.14
CA TYR C 228 -8.01 -31.58 2.57
C TYR C 228 -6.60 -31.58 2.00
N ASN C 229 -6.23 -32.60 1.22
CA ASN C 229 -5.07 -32.50 0.35
C ASN C 229 -5.45 -31.96 -1.03
N PHE C 230 -6.64 -32.32 -1.51
CA PHE C 230 -7.15 -31.78 -2.76
C PHE C 230 -7.50 -30.31 -2.63
N ASN C 231 -7.90 -29.87 -1.44
CA ASN C 231 -8.22 -28.47 -1.19
C ASN C 231 -7.72 -28.12 0.20
N PRO C 232 -6.46 -27.69 0.32
CA PRO C 232 -5.91 -27.40 1.65
C PRO C 232 -6.56 -26.21 2.32
N MET C 233 -7.05 -25.24 1.56
CA MET C 233 -7.68 -24.07 2.13
C MET C 233 -9.10 -24.33 2.62
N GLY C 234 -9.66 -25.51 2.34
CA GLY C 234 -10.98 -25.87 2.82
C GLY C 234 -12.12 -25.12 2.19
N ILE C 235 -11.86 -24.25 1.21
CA ILE C 235 -12.92 -23.51 0.53
C ILE C 235 -13.70 -24.49 -0.34
N LYS C 236 -14.83 -24.99 0.17
CA LYS C 236 -15.62 -25.96 -0.58
C LYS C 236 -16.17 -25.36 -1.87
N SER C 237 -16.71 -24.15 -1.79
CA SER C 237 -17.18 -23.46 -2.99
C SER C 237 -17.29 -21.98 -2.69
N LEU C 238 -17.38 -21.18 -3.75
CA LEU C 238 -17.60 -19.74 -3.63
C LEU C 238 -18.34 -19.27 -4.88
N PHE C 239 -19.16 -18.25 -4.71
CA PHE C 239 -20.03 -17.82 -5.80
C PHE C 239 -20.64 -16.47 -5.42
N PHE C 240 -21.27 -15.84 -6.41
CA PHE C 240 -22.09 -14.68 -6.16
C PHE C 240 -23.52 -15.12 -5.88
N SER C 241 -24.19 -14.41 -4.98
CA SER C 241 -25.61 -14.65 -4.78
C SER C 241 -26.41 -14.17 -5.99
N SER C 242 -27.70 -14.48 -5.99
CA SER C 242 -28.56 -14.02 -7.07
C SER C 242 -28.71 -12.51 -7.09
N TYR C 243 -28.30 -11.81 -6.02
CA TYR C 243 -28.39 -10.36 -5.95
C TYR C 243 -27.01 -9.70 -5.90
N GLY C 244 -25.97 -10.40 -6.32
CA GLY C 244 -24.66 -9.80 -6.51
C GLY C 244 -23.72 -9.83 -5.34
N ASP C 245 -24.09 -10.51 -4.22
CA ASP C 245 -23.12 -10.45 -3.14
C ASP C 245 -22.20 -11.67 -3.16
N PRO C 246 -20.92 -11.48 -2.86
CA PRO C 246 -19.99 -12.62 -2.84
C PRO C 246 -20.27 -13.54 -1.67
N CYS C 247 -20.18 -14.85 -1.94
CA CYS C 247 -20.40 -15.86 -0.92
C CYS C 247 -19.22 -16.84 -0.91
N ILE C 248 -18.94 -17.38 0.27
CA ILE C 248 -17.89 -18.38 0.44
C ILE C 248 -18.36 -19.40 1.47
N PHE C 249 -17.97 -20.65 1.27
CA PHE C 249 -18.41 -21.76 2.12
C PHE C 249 -17.17 -22.52 2.58
N GLY C 250 -16.72 -22.21 3.79
CA GLY C 250 -15.48 -22.77 4.29
C GLY C 250 -15.62 -24.18 4.82
N SER C 251 -14.49 -24.71 5.31
CA SER C 251 -14.51 -26.04 5.91
C SER C 251 -15.24 -26.05 7.25
N ASP C 252 -15.46 -24.88 7.86
CA ASP C 252 -16.34 -24.78 9.01
C ASP C 252 -17.81 -24.83 8.63
N ASN C 253 -18.12 -25.06 7.35
CA ASN C 253 -19.48 -25.30 6.88
C ASN C 253 -20.43 -24.17 7.24
N THR C 254 -19.95 -22.93 7.11
CA THR C 254 -20.76 -21.75 7.39
C THR C 254 -20.76 -20.85 6.15
N LEU C 255 -21.95 -20.59 5.61
CA LEU C 255 -22.09 -19.73 4.44
C LEU C 255 -21.90 -18.28 4.84
N LEU C 256 -20.83 -17.65 4.37
CA LEU C 256 -20.52 -16.26 4.66
C LEU C 256 -20.88 -15.39 3.45
N LEU C 257 -21.55 -14.28 3.71
CA LEU C 257 -21.99 -13.35 2.67
C LEU C 257 -21.44 -11.96 2.95
N LEU C 258 -20.94 -11.30 1.91
CA LEU C 258 -20.36 -9.97 2.02
C LEU C 258 -21.43 -8.94 1.66
N SER C 259 -21.93 -8.23 2.65
CA SER C 259 -23.01 -7.27 2.47
C SER C 259 -22.43 -5.86 2.36
N LYS C 260 -23.08 -5.04 1.52
CA LYS C 260 -22.77 -3.61 1.39
C LYS C 260 -21.30 -3.40 1.03
N TRP C 261 -20.83 -4.15 0.03
CA TRP C 261 -19.46 -3.98 -0.45
C TRP C 261 -19.31 -2.75 -1.34
N ARG C 262 -20.42 -2.23 -1.89
CA ARG C 262 -20.36 -1.00 -2.65
C ARG C 262 -19.97 0.20 -1.78
N SER C 263 -20.12 0.09 -0.47
CA SER C 263 -19.67 1.12 0.47
C SER C 263 -18.59 0.53 1.35
N PRO C 264 -17.31 0.80 1.06
CA PRO C 264 -16.23 0.17 1.83
C PRO C 264 -16.27 0.47 3.32
N GLU C 265 -17.04 1.47 3.74
CA GLU C 265 -17.14 1.79 5.17
C GLU C 265 -18.06 0.81 5.89
N GLU C 266 -19.18 0.45 5.28
CA GLU C 266 -20.17 -0.42 5.91
C GLU C 266 -19.99 -1.89 5.55
N SER C 267 -18.90 -2.27 4.88
CA SER C 267 -18.71 -3.64 4.45
C SER C 267 -18.66 -4.58 5.64
N LYS C 268 -19.45 -5.66 5.58
CA LYS C 268 -19.52 -6.65 6.64
C LYS C 268 -19.69 -8.03 6.06
N TRP C 269 -19.02 -9.01 6.66
CA TRP C 269 -19.23 -10.42 6.33
C TRP C 269 -20.23 -11.01 7.33
N LEU C 270 -21.30 -11.61 6.81
CA LEU C 270 -22.37 -12.12 7.66
C LEU C 270 -22.46 -13.63 7.58
N PRO C 271 -22.43 -14.37 8.76
CA PRO C 271 -22.69 -15.83 8.77
C PRO C 271 -24.18 -16.13 8.76
N ILE C 272 -24.76 -16.08 7.56
CA ILE C 272 -26.21 -16.13 7.40
C ILE C 272 -26.71 -17.58 7.40
N LEU C 273 -25.80 -18.54 7.57
CA LEU C 273 -26.21 -19.94 7.63
C LEU C 273 -25.15 -20.83 8.24
N ASP C 274 -25.49 -21.51 9.35
CA ASP C 274 -24.63 -22.53 9.96
C ASP C 274 -25.28 -23.88 9.70
N SER C 275 -24.82 -24.56 8.65
CA SER C 275 -25.41 -25.84 8.27
C SER C 275 -25.15 -26.93 9.31
N ASN C 276 -24.20 -26.73 10.22
CA ASN C 276 -23.97 -27.70 11.28
C ASN C 276 -25.19 -27.81 12.19
N MET C 277 -25.87 -26.68 12.45
CA MET C 277 -27.05 -26.68 13.29
C MET C 277 -28.33 -26.98 12.52
N GLU C 278 -28.40 -26.58 11.25
CA GLU C 278 -29.60 -26.82 10.45
C GLU C 278 -29.84 -28.31 10.22
N ILE C 279 -28.77 -29.11 10.16
CA ILE C 279 -28.93 -30.56 10.10
C ILE C 279 -29.46 -31.09 11.42
N TRP C 280 -28.92 -30.58 12.54
CA TRP C 280 -29.37 -31.03 13.85
C TRP C 280 -30.80 -30.60 14.13
N LYS C 281 -31.17 -29.39 13.71
CA LYS C 281 -32.51 -28.87 13.94
C LYS C 281 -33.55 -29.52 13.04
N MET C 282 -33.17 -29.87 11.82
CA MET C 282 -34.13 -30.49 10.90
C MET C 282 -34.26 -31.99 11.12
N SER C 283 -33.18 -32.65 11.54
CA SER C 283 -33.25 -34.09 11.81
C SER C 283 -34.16 -34.38 12.99
N GLY C 284 -34.09 -33.56 14.03
CA GLY C 284 -34.83 -33.81 15.24
C GLY C 284 -34.25 -34.88 16.14
N GLY C 285 -33.30 -35.67 15.64
CA GLY C 285 -32.67 -36.71 16.42
C GLY C 285 -31.42 -36.25 17.14
N LYS C 286 -30.27 -36.77 16.74
CA LYS C 286 -29.01 -36.48 17.42
C LYS C 286 -28.00 -35.96 16.39
N GLU C 287 -26.72 -35.99 16.77
CA GLU C 287 -25.63 -35.54 15.90
C GLU C 287 -25.31 -36.66 14.91
N THR C 288 -25.96 -36.61 13.75
CA THR C 288 -25.73 -37.60 12.70
C THR C 288 -24.55 -37.15 11.86
N THR C 289 -23.39 -37.76 12.08
CA THR C 289 -22.19 -37.49 11.28
C THR C 289 -22.24 -38.15 9.91
N ASP C 290 -23.40 -38.71 9.53
CA ASP C 290 -23.62 -39.27 8.21
C ASP C 290 -24.12 -38.24 7.20
N ILE C 291 -24.34 -37.00 7.63
CA ILE C 291 -24.93 -35.97 6.78
C ILE C 291 -23.98 -34.78 6.70
N HIS C 292 -23.64 -34.39 5.47
CA HIS C 292 -22.82 -33.21 5.22
C HIS C 292 -23.44 -32.41 4.08
N VAL C 293 -23.18 -31.11 4.08
CA VAL C 293 -23.78 -30.19 3.12
C VAL C 293 -22.74 -29.82 2.07
N TRP C 294 -23.14 -29.86 0.81
CA TRP C 294 -22.28 -29.48 -0.32
C TRP C 294 -22.93 -28.32 -1.06
N PRO C 295 -22.35 -27.12 -1.02
CA PRO C 295 -23.04 -25.94 -1.56
C PRO C 295 -22.90 -25.82 -3.07
N LEU C 296 -24.00 -25.44 -3.71
CA LEU C 296 -24.01 -25.16 -5.15
C LEU C 296 -24.09 -23.66 -5.42
N ALA C 297 -25.15 -23.00 -4.95
CA ALA C 297 -25.28 -21.55 -5.10
C ALA C 297 -26.30 -21.05 -4.08
N LEU C 298 -26.40 -19.73 -4.00
CA LEU C 298 -27.38 -19.06 -3.15
C LEU C 298 -28.29 -18.23 -4.03
N ALA C 299 -29.58 -18.55 -4.01
CA ALA C 299 -30.58 -17.90 -4.86
C ALA C 299 -31.57 -17.16 -3.97
N TYR C 300 -31.25 -15.90 -3.67
CA TYR C 300 -32.10 -15.03 -2.86
C TYR C 300 -32.37 -15.61 -1.48
N ASP C 301 -33.30 -16.56 -1.39
CA ASP C 301 -33.81 -17.02 -0.10
C ASP C 301 -33.44 -18.45 0.25
N THR C 302 -33.00 -19.25 -0.70
CA THR C 302 -32.66 -20.65 -0.45
C THR C 302 -31.21 -20.92 -0.84
N LEU C 303 -30.60 -21.88 -0.16
CA LEU C 303 -29.26 -22.35 -0.48
C LEU C 303 -29.39 -23.65 -1.29
N ASN C 304 -29.30 -23.54 -2.60
N ASN C 304 -29.30 -23.54 -2.60
CA ASN C 304 -29.26 -24.72 -3.44
CA ASN C 304 -29.28 -24.73 -3.45
C ASN C 304 -28.01 -25.52 -3.14
C ASN C 304 -28.01 -25.53 -3.14
N CYS C 305 -28.18 -26.77 -2.70
CA CYS C 305 -27.06 -27.57 -2.23
C CYS C 305 -27.33 -29.04 -2.44
N ILE C 306 -26.32 -29.85 -2.11
CA ILE C 306 -26.37 -31.31 -2.19
C ILE C 306 -26.13 -31.86 -0.79
N LEU C 307 -27.03 -32.74 -0.33
CA LEU C 307 -26.91 -33.36 0.98
C LEU C 307 -26.25 -34.73 0.82
N VAL C 308 -25.06 -34.87 1.42
CA VAL C 308 -24.21 -36.04 1.23
C VAL C 308 -24.43 -36.99 2.40
N LYS C 309 -24.76 -38.24 2.08
CA LYS C 309 -24.97 -39.30 3.08
C LYS C 309 -23.81 -40.29 2.97
N GLY C 310 -22.98 -40.34 3.99
CA GLY C 310 -21.87 -41.28 4.01
C GLY C 310 -20.75 -40.81 4.92
N LYS C 311 -19.67 -41.59 4.91
CA LYS C 311 -18.49 -41.22 5.68
C LYS C 311 -17.79 -40.03 5.06
N HIS C 312 -17.72 -39.99 3.73
CA HIS C 312 -17.10 -38.88 3.03
C HIS C 312 -18.00 -37.66 3.05
N ILE C 313 -17.40 -36.48 3.25
CA ILE C 313 -18.16 -35.23 3.21
C ILE C 313 -18.41 -34.75 1.79
N TRP C 314 -17.71 -35.33 0.79
CA TRP C 314 -17.94 -34.92 -0.58
C TRP C 314 -18.84 -35.92 -1.30
N PRO C 315 -19.74 -35.44 -2.16
CA PRO C 315 -20.67 -36.35 -2.83
C PRO C 315 -19.96 -37.28 -3.80
N GLU C 316 -20.52 -38.47 -3.97
CA GLU C 316 -20.00 -39.43 -4.93
C GLU C 316 -21.05 -39.73 -5.98
N PHE C 317 -20.98 -40.90 -6.61
CA PHE C 317 -21.89 -41.23 -7.69
C PHE C 317 -22.85 -42.35 -7.28
N PRO C 318 -24.14 -42.21 -7.63
CA PRO C 318 -24.71 -41.08 -8.36
C PRO C 318 -24.96 -39.85 -7.49
N LEU C 319 -25.16 -38.71 -8.15
CA LEU C 319 -25.38 -37.47 -7.42
C LEU C 319 -26.84 -37.37 -6.99
N PRO C 320 -27.11 -37.16 -5.71
CA PRO C 320 -28.50 -37.03 -5.25
C PRO C 320 -29.16 -35.79 -5.82
N LEU C 321 -30.47 -35.74 -5.67
CA LEU C 321 -31.22 -34.59 -6.14
C LEU C 321 -30.83 -33.34 -5.34
N PRO C 322 -30.80 -32.18 -5.98
CA PRO C 322 -30.50 -30.95 -5.23
C PRO C 322 -31.65 -30.61 -4.29
N SER C 323 -31.29 -30.17 -3.09
CA SER C 323 -32.24 -29.67 -2.11
C SER C 323 -31.97 -28.20 -1.86
N GLU C 324 -32.85 -27.57 -1.08
CA GLU C 324 -32.73 -26.16 -0.75
C GLU C 324 -32.75 -25.99 0.77
N MET C 325 -32.34 -24.81 1.22
CA MET C 325 -32.29 -24.50 2.64
C MET C 325 -32.69 -23.06 2.86
N GLU C 326 -33.70 -22.84 3.69
CA GLU C 326 -34.13 -21.50 4.04
C GLU C 326 -33.03 -20.77 4.81
N ILE C 327 -33.03 -19.45 4.72
CA ILE C 327 -32.02 -18.64 5.38
C ILE C 327 -32.50 -18.15 6.74
N SER D 1 -6.81 -14.23 -50.36
CA SER D 1 -7.27 -12.85 -50.45
C SER D 1 -7.17 -12.16 -49.09
N LEU D 2 -7.58 -12.88 -48.04
CA LEU D 2 -7.56 -12.32 -46.69
C LEU D 2 -6.18 -12.32 -46.06
N ARG D 3 -5.25 -13.14 -46.57
CA ARG D 3 -3.93 -13.23 -45.95
C ARG D 3 -3.11 -11.94 -46.16
N ASN D 4 -3.24 -11.32 -47.34
CA ASN D 4 -2.58 -10.05 -47.63
C ASN D 4 -3.66 -8.97 -47.66
N ILE D 5 -3.78 -8.22 -46.57
CA ILE D 5 -4.71 -7.12 -46.46
C ILE D 5 -4.00 -5.77 -46.38
N ASP D 6 -2.70 -5.74 -46.68
CA ASP D 6 -1.96 -4.47 -46.66
C ASP D 6 -2.55 -3.48 -47.66
N ASP D 7 -3.19 -3.97 -48.72
CA ASP D 7 -3.89 -3.07 -49.63
C ASP D 7 -5.05 -2.37 -48.93
N ILE D 8 -5.68 -3.03 -47.96
CA ILE D 8 -6.75 -2.42 -47.18
C ILE D 8 -6.19 -1.65 -45.98
N LEU D 9 -5.18 -2.21 -45.31
CA LEU D 9 -4.66 -1.60 -44.10
C LEU D 9 -3.97 -0.26 -44.38
N ASP D 10 -3.30 -0.15 -45.53
CA ASP D 10 -2.58 1.08 -45.86
C ASP D 10 -3.50 2.18 -46.38
N ASP D 11 -4.74 1.86 -46.71
CA ASP D 11 -5.72 2.86 -47.15
C ASP D 11 -6.27 3.68 -45.98
N ILE D 12 -6.09 3.23 -44.75
CA ILE D 12 -6.67 3.93 -43.60
C ILE D 12 -6.07 5.33 -43.45
N GLU D 13 -4.78 5.46 -43.74
CA GLU D 13 -4.07 6.72 -43.54
C GLU D 13 -4.75 7.91 -44.21
N SER E 1 29.01 42.26 9.35
CA SER E 1 27.78 42.97 8.97
C SER E 1 26.60 42.02 8.95
N LEU E 2 26.81 40.82 8.40
CA LEU E 2 25.75 39.83 8.28
C LEU E 2 25.48 39.10 9.59
N ARG E 3 26.42 39.10 10.54
CA ARG E 3 26.25 38.34 11.77
C ARG E 3 25.17 38.95 12.65
N ASN E 4 25.07 40.28 12.69
CA ASN E 4 24.05 40.99 13.46
C ASN E 4 23.04 41.58 12.50
N ILE E 5 21.90 40.90 12.34
CA ILE E 5 20.80 41.37 11.51
C ILE E 5 19.58 41.72 12.35
N ASP E 6 19.74 41.82 13.67
CA ASP E 6 18.62 42.20 14.53
C ASP E 6 18.09 43.59 14.17
N ASP E 7 18.95 44.46 13.64
CA ASP E 7 18.50 45.77 13.17
C ASP E 7 17.54 45.65 11.99
N ILE E 8 17.70 44.61 11.16
CA ILE E 8 16.81 44.38 10.03
C ILE E 8 15.58 43.59 10.44
N LEU E 9 15.75 42.60 11.34
CA LEU E 9 14.64 41.74 11.71
C LEU E 9 13.53 42.50 12.44
N ASP E 10 13.90 43.51 13.23
CA ASP E 10 12.91 44.27 13.98
C ASP E 10 12.19 45.32 13.15
N ASP E 11 12.64 45.58 11.93
CA ASP E 11 11.91 46.50 11.05
C ASP E 11 10.63 45.88 10.50
N ILE E 12 10.50 44.55 10.57
CA ILE E 12 9.33 43.88 10.02
C ILE E 12 8.07 44.29 10.79
N GLU E 13 8.21 44.51 12.10
CA GLU E 13 7.07 44.79 12.97
C GLU E 13 6.22 45.94 12.44
N GLY E 14 6.80 47.13 12.33
CA GLY E 14 6.08 48.29 11.82
C GLY E 14 4.97 48.76 12.73
#